data_9C9R
#
_entry.id   9C9R
#
_cell.length_a   82.111
_cell.length_b   52.714
_cell.length_c   136.891
_cell.angle_alpha   90.000
_cell.angle_beta   104.272
_cell.angle_gamma   90.000
#
_symmetry.space_group_name_H-M   'P 1 21 1'
#
loop_
_entity.id
_entity.type
_entity.pdbx_description
1 polymer 'non-specific serine/threonine protein kinase'
2 water water
#
_entity_poly.entity_id   1
_entity_poly.type   'polypeptide(L)'
_entity_poly.pdbx_seq_one_letter_code
;MTDPNSPYFEKVLGSLFARQVEPAKDYAWDMGSTLPTPDDLMRRFIVKDTLITIFRRHGAVEAPTATLYPKSSHYGPNAV
HLLDRNGTVLQLPCDLVMGHARSLARIASGPVPQRAYSFGNIFRDRQDGGQPDVYGEVDFDIVTTDAMDLAMKEAEVIKV
LDEIIAAFPTTSSTPMCFQLGHSDLLQLIFDFCNVEHGARQAAAEVLSKLNIRNFTWQKVRSELRSPLVGISATSVDELQ
RFDWRDTPTKAFTKIRNLFEGTEYYDKVSSTLAHLKEVYEYSKKFKVNTKIYIAPLSSINEAFFRGGILFSCLYDRKVMD
VFAAGGRYDSLIKAHRPRIGSRFEERHAVGFSLNWEKQLAKPVPKTTGKAFLKKAAEEEAQGIFSAKRCDVLVASFDPSI
LRSSGIELLQMLWAHGISAELARDARSPEDLLTTYRDESYSWIVIIKQESQLKIKTMHRKDVPDADIQAKDLLAWLKAEI
;
_entity_poly.pdbx_strand_id   A,B
#
# COMPACT_ATOMS: atom_id res chain seq x y z
N ASN A 5 19.17 -24.11 -22.83
CA ASN A 5 17.92 -24.80 -22.54
C ASN A 5 17.88 -26.22 -23.12
N SER A 6 18.82 -27.06 -22.69
CA SER A 6 18.86 -28.47 -23.08
C SER A 6 17.91 -29.27 -22.18
N PRO A 7 17.68 -30.55 -22.47
CA PRO A 7 16.96 -31.40 -21.50
C PRO A 7 17.68 -31.49 -20.17
N TYR A 8 19.02 -31.32 -20.17
CA TYR A 8 19.75 -31.15 -18.92
C TYR A 8 19.19 -29.99 -18.11
N PHE A 9 19.20 -28.78 -18.69
CA PHE A 9 18.83 -27.57 -17.95
C PHE A 9 17.45 -27.68 -17.33
N GLU A 10 16.50 -28.36 -17.98
CA GLU A 10 15.14 -28.31 -17.48
C GLU A 10 14.85 -29.35 -16.39
N LYS A 11 15.53 -30.50 -16.41
CA LYS A 11 15.31 -31.50 -15.36
C LYS A 11 15.95 -31.07 -14.05
N VAL A 12 17.14 -30.47 -14.11
CA VAL A 12 17.76 -29.96 -12.89
C VAL A 12 16.90 -28.85 -12.30
N LEU A 13 16.25 -28.06 -13.15
CA LEU A 13 15.42 -26.95 -12.72
C LEU A 13 14.24 -27.43 -11.88
N GLY A 14 13.42 -28.34 -12.43
CA GLY A 14 12.33 -28.92 -11.66
C GLY A 14 12.80 -29.66 -10.42
N SER A 15 14.05 -30.16 -10.45
CA SER A 15 14.64 -30.77 -9.27
C SER A 15 15.06 -29.74 -8.24
N LEU A 16 15.51 -28.57 -8.70
CA LEU A 16 15.84 -27.48 -7.78
C LEU A 16 14.62 -27.02 -6.98
N PHE A 17 13.44 -27.03 -7.61
CA PHE A 17 12.21 -26.53 -7.03
C PHE A 17 11.52 -27.53 -6.11
N ALA A 18 11.98 -28.77 -6.07
CA ALA A 18 11.46 -29.77 -5.14
C ALA A 18 12.42 -30.02 -3.99
N ARG A 19 13.53 -29.29 -3.91
CA ARG A 19 14.50 -29.51 -2.86
C ARG A 19 14.04 -28.85 -1.58
N GLN A 20 14.20 -29.56 -0.47
CA GLN A 20 13.73 -29.06 0.82
C GLN A 20 14.69 -28.02 1.37
N VAL A 21 14.13 -27.10 2.16
CA VAL A 21 14.89 -25.98 2.66
C VAL A 21 15.95 -26.45 3.65
N GLU A 22 17.17 -25.98 3.45
CA GLU A 22 18.19 -26.17 4.46
C GLU A 22 17.77 -25.42 5.72
N PRO A 23 17.57 -26.10 6.85
CA PRO A 23 17.10 -25.42 8.07
C PRO A 23 17.89 -24.18 8.43
N ALA A 24 19.21 -24.23 8.28
CA ALA A 24 20.04 -23.07 8.59
C ALA A 24 19.67 -21.87 7.70
N LYS A 25 19.34 -22.15 6.43
CA LYS A 25 18.90 -21.08 5.54
C LYS A 25 17.54 -20.53 5.97
N ASP A 26 16.63 -21.41 6.40
CA ASP A 26 15.32 -20.94 6.87
C ASP A 26 15.43 -20.09 8.12
N TYR A 27 16.39 -20.35 8.99
CA TYR A 27 16.59 -19.49 10.14
C TYR A 27 17.27 -18.19 9.75
N ALA A 28 18.25 -18.25 8.84
CA ALA A 28 18.99 -17.05 8.43
C ALA A 28 18.06 -16.01 7.81
N TRP A 29 16.99 -16.46 7.16
CA TRP A 29 16.12 -15.56 6.41
C TRP A 29 15.65 -14.36 7.24
N ASP A 30 15.20 -14.60 8.47
CA ASP A 30 14.71 -13.49 9.29
C ASP A 30 15.31 -13.47 10.68
N MET A 31 16.47 -14.08 10.90
CA MET A 31 17.13 -13.95 12.19
C MET A 31 17.42 -12.48 12.48
N GLY A 32 17.03 -12.05 13.68
CA GLY A 32 17.28 -10.69 14.11
C GLY A 32 16.34 -9.63 13.60
N SER A 33 15.44 -9.97 12.68
CA SER A 33 14.55 -8.98 12.09
C SER A 33 13.66 -8.32 13.15
N THR A 34 13.29 -7.07 12.92
CA THR A 34 12.47 -6.30 13.84
C THR A 34 11.22 -5.79 13.14
N LEU A 35 10.25 -5.49 13.91
CA LEU A 35 9.17 -4.70 13.31
C LEU A 35 9.26 -3.24 13.74
N PRO A 36 8.86 -2.29 12.89
CA PRO A 36 8.80 -0.90 13.33
C PRO A 36 7.96 -0.74 14.59
N THR A 37 8.31 0.26 15.39
CA THR A 37 7.61 0.50 16.64
C THR A 37 6.17 0.95 16.38
N PRO A 38 5.24 0.68 17.31
CA PRO A 38 3.85 1.15 17.13
C PRO A 38 3.70 2.65 16.96
N ASP A 39 4.55 3.47 17.58
CA ASP A 39 4.47 4.90 17.29
C ASP A 39 4.97 5.20 15.88
N ASP A 40 6.02 4.49 15.42
CA ASP A 40 6.48 4.57 14.04
C ASP A 40 5.34 4.37 13.05
N LEU A 41 4.55 3.31 13.25
CA LEU A 41 3.44 3.05 12.33
C LEU A 41 2.41 4.16 12.38
N MET A 42 2.30 4.85 13.52
CA MET A 42 1.37 5.96 13.57
C MET A 42 1.95 7.19 12.86
N ARG A 43 3.26 7.44 13.00
CA ARG A 43 3.87 8.53 12.24
C ARG A 43 3.84 8.21 10.74
N ARG A 44 4.05 6.95 10.37
CA ARG A 44 3.90 6.59 8.97
C ARG A 44 2.51 6.89 8.46
N PHE A 45 1.49 6.57 9.26
CA PHE A 45 0.13 6.78 8.78
C PHE A 45 -0.16 8.27 8.56
N ILE A 46 0.32 9.13 9.47
CA ILE A 46 0.09 10.57 9.35
C ILE A 46 0.77 11.10 8.09
N VAL A 47 2.04 10.71 7.88
CA VAL A 47 2.79 11.10 6.68
C VAL A 47 2.04 10.66 5.42
N LYS A 48 1.77 9.36 5.31
CA LYS A 48 1.08 8.84 4.13
C LYS A 48 -0.24 9.59 3.90
N ASP A 49 -0.94 9.90 4.98
CA ASP A 49 -2.23 10.57 4.83
C ASP A 49 -2.05 12.01 4.38
N THR A 50 -1.09 12.72 4.98
CA THR A 50 -0.74 14.07 4.51
C THR A 50 -0.34 14.08 3.04
N LEU A 51 0.51 13.13 2.63
CA LEU A 51 0.96 13.07 1.24
C LEU A 51 -0.22 12.89 0.30
N ILE A 52 -1.12 11.97 0.64
CA ILE A 52 -2.24 11.66 -0.25
C ILE A 52 -3.17 12.86 -0.36
N THR A 53 -3.33 13.63 0.72
CA THR A 53 -4.12 14.85 0.63
C THR A 53 -3.56 15.80 -0.42
N ILE A 54 -2.23 15.97 -0.44
CA ILE A 54 -1.58 16.83 -1.42
C ILE A 54 -1.83 16.32 -2.84
N PHE A 55 -1.56 15.03 -3.09
CA PHE A 55 -1.71 14.49 -4.44
C PHE A 55 -3.14 14.62 -4.93
N ARG A 56 -4.12 14.36 -4.06
CA ARG A 56 -5.51 14.36 -4.47
C ARG A 56 -5.95 15.75 -4.91
N ARG A 57 -5.40 16.80 -4.27
CA ARG A 57 -5.59 18.17 -4.75
C ARG A 57 -5.41 18.29 -6.26
N HIS A 58 -4.46 17.53 -6.82
CA HIS A 58 -4.12 17.64 -8.24
C HIS A 58 -4.98 16.75 -9.14
N GLY A 59 -5.99 16.06 -8.59
CA GLY A 59 -6.76 15.14 -9.39
C GLY A 59 -6.08 13.80 -9.59
N ALA A 60 -5.14 13.45 -8.74
CA ALA A 60 -4.37 12.22 -8.93
C ALA A 60 -5.00 11.05 -8.17
N VAL A 61 -5.09 9.91 -8.85
CA VAL A 61 -5.46 8.67 -8.21
C VAL A 61 -4.20 7.86 -7.91
N GLU A 62 -4.33 6.82 -7.11
CA GLU A 62 -3.23 5.91 -6.85
C GLU A 62 -3.20 4.80 -7.90
N ALA A 63 -1.95 4.54 -8.50
CA ALA A 63 -1.79 3.41 -9.43
C ALA A 63 -1.06 2.25 -8.76
N PRO A 64 -1.29 1.01 -9.20
CA PRO A 64 -0.55 -0.12 -8.64
C PRO A 64 0.87 -0.17 -9.17
N THR A 65 1.73 -0.88 -8.44
CA THR A 65 3.12 -1.08 -8.83
C THR A 65 3.41 -2.55 -9.09
N ALA A 66 4.20 -2.84 -10.11
CA ALA A 66 4.60 -4.23 -10.34
C ALA A 66 5.44 -4.75 -9.19
N THR A 67 5.16 -5.98 -8.75
CA THR A 67 5.94 -6.60 -7.69
C THR A 67 7.28 -7.15 -8.20
N LEU A 68 7.32 -7.61 -9.45
CA LEU A 68 8.51 -8.26 -9.98
C LEU A 68 8.40 -8.32 -11.50
N TYR A 69 9.54 -8.51 -12.16
CA TYR A 69 9.59 -8.48 -13.61
C TYR A 69 10.97 -8.94 -14.06
N PRO A 70 11.10 -9.32 -15.34
CA PRO A 70 12.41 -9.75 -15.86
C PRO A 70 13.51 -8.73 -15.56
N LYS A 71 14.65 -9.25 -15.09
CA LYS A 71 15.72 -8.39 -14.58
C LYS A 71 16.14 -7.35 -15.62
N SER A 72 16.63 -6.22 -15.14
CA SER A 72 17.16 -5.16 -15.99
C SER A 72 18.68 -5.27 -16.05
N SER A 73 19.23 -5.16 -17.26
CA SER A 73 20.69 -5.09 -17.39
C SER A 73 21.29 -3.89 -16.65
N HIS A 74 20.48 -2.91 -16.25
CA HIS A 74 21.03 -1.68 -15.74
C HIS A 74 21.57 -1.80 -14.31
N TYR A 75 21.03 -2.69 -13.50
CA TYR A 75 21.39 -2.73 -12.10
C TYR A 75 22.58 -3.64 -11.87
N GLY A 76 23.37 -3.30 -10.84
CA GLY A 76 24.47 -4.12 -10.43
C GLY A 76 24.04 -5.27 -9.53
N PRO A 77 24.86 -5.61 -8.55
CA PRO A 77 24.57 -6.75 -7.66
C PRO A 77 23.78 -6.42 -6.40
N ASN A 78 23.25 -5.20 -6.29
CA ASN A 78 22.36 -4.86 -5.20
C ASN A 78 20.93 -5.28 -5.49
N ALA A 79 20.59 -5.55 -6.75
CA ALA A 79 19.26 -5.99 -7.13
C ALA A 79 19.00 -7.41 -6.62
N VAL A 80 17.77 -7.67 -6.18
CA VAL A 80 17.38 -9.02 -5.81
C VAL A 80 16.94 -9.76 -7.07
N HIS A 81 17.67 -10.82 -7.43
CA HIS A 81 17.41 -11.63 -8.61
C HIS A 81 16.77 -12.95 -8.20
N LEU A 82 15.74 -13.37 -8.94
CA LEU A 82 15.00 -14.57 -8.60
C LEU A 82 14.68 -15.37 -9.86
N LEU A 83 14.79 -16.69 -9.76
CA LEU A 83 14.51 -17.61 -10.86
C LEU A 83 13.09 -18.14 -10.72
N ASP A 84 12.31 -18.09 -11.81
CA ASP A 84 11.01 -18.77 -11.80
C ASP A 84 11.11 -20.15 -12.45
N ARG A 85 9.97 -20.86 -12.47
CA ARG A 85 9.94 -22.26 -12.92
C ARG A 85 10.31 -22.43 -14.37
N ASN A 86 10.19 -21.39 -15.18
CA ASN A 86 10.61 -21.46 -16.57
C ASN A 86 12.07 -21.11 -16.76
N GLY A 87 12.78 -20.82 -15.68
CA GLY A 87 14.17 -20.42 -15.74
C GLY A 87 14.44 -18.94 -15.94
N THR A 88 13.44 -18.11 -16.20
CA THR A 88 13.73 -16.70 -16.48
C THR A 88 14.15 -15.95 -15.22
N VAL A 89 15.12 -15.06 -15.38
CA VAL A 89 15.68 -14.31 -14.25
C VAL A 89 14.84 -13.06 -14.02
N LEU A 90 14.21 -12.99 -12.85
CA LEU A 90 13.36 -11.86 -12.46
C LEU A 90 14.04 -11.08 -11.35
N GLN A 91 13.56 -9.85 -11.13
CA GLN A 91 14.10 -9.04 -10.05
C GLN A 91 12.99 -8.43 -9.21
N LEU A 92 13.33 -8.11 -8.03
CA LEU A 92 12.46 -7.23 -7.25
C LEU A 92 12.81 -5.76 -7.55
N PRO A 93 11.90 -4.80 -7.38
CA PRO A 93 12.20 -3.41 -7.78
C PRO A 93 13.36 -2.80 -6.98
N CYS A 94 14.26 -2.12 -7.68
CA CYS A 94 15.23 -1.23 -7.05
C CYS A 94 14.72 0.20 -6.98
N ASP A 95 13.77 0.54 -7.83
CA ASP A 95 13.10 1.83 -7.82
C ASP A 95 11.71 1.61 -8.42
N LEU A 96 10.85 2.60 -8.30
CA LEU A 96 9.53 2.40 -8.86
C LEU A 96 9.43 2.78 -10.32
N VAL A 97 10.35 3.61 -10.84
CA VAL A 97 10.18 4.10 -12.19
C VAL A 97 10.43 3.00 -13.22
N MET A 98 11.30 2.04 -12.90
CA MET A 98 11.58 0.97 -13.85
C MET A 98 10.31 0.18 -14.17
N GLY A 99 9.57 -0.23 -13.14
CA GLY A 99 8.33 -0.95 -13.36
C GLY A 99 7.29 -0.12 -14.09
N HIS A 100 7.15 1.16 -13.70
CA HIS A 100 6.16 2.01 -14.34
C HIS A 100 6.48 2.24 -15.82
N ALA A 101 7.75 2.52 -16.12
CA ALA A 101 8.16 2.67 -17.51
C ALA A 101 7.88 1.40 -18.30
N ARG A 102 8.13 0.23 -17.70
CA ARG A 102 7.82 -1.01 -18.40
C ARG A 102 6.33 -1.11 -18.70
N SER A 103 5.48 -0.88 -17.68
CA SER A 103 4.02 -0.85 -17.88
C SER A 103 3.63 0.00 -19.07
N LEU A 104 4.08 1.27 -19.08
CA LEU A 104 3.67 2.21 -20.12
C LEU A 104 3.98 1.70 -21.52
N ALA A 105 5.04 0.90 -21.66
CA ALA A 105 5.48 0.43 -22.98
C ALA A 105 4.84 -0.89 -23.38
N ARG A 106 4.50 -1.75 -22.42
CA ARG A 106 3.99 -3.08 -22.73
C ARG A 106 2.48 -3.19 -22.59
N ILE A 107 1.87 -2.53 -21.60
CA ILE A 107 0.44 -2.66 -21.36
C ILE A 107 -0.31 -2.15 -22.57
N ALA A 108 -1.30 -2.93 -23.02
CA ALA A 108 -2.02 -2.67 -24.26
C ALA A 108 -2.66 -1.28 -24.23
N SER A 109 -2.90 -0.76 -25.44
CA SER A 109 -3.54 0.54 -25.58
C SER A 109 -4.73 0.64 -24.64
N GLY A 110 -4.80 1.75 -23.92
CA GLY A 110 -5.84 2.01 -22.98
C GLY A 110 -5.62 3.39 -22.40
N PRO A 111 -6.63 3.97 -21.78
CA PRO A 111 -6.44 5.28 -21.12
C PRO A 111 -5.74 5.08 -19.79
N VAL A 112 -4.61 5.75 -19.61
CA VAL A 112 -3.97 5.74 -18.30
C VAL A 112 -4.29 7.08 -17.63
N PRO A 113 -4.35 7.14 -16.31
CA PRO A 113 -4.51 8.43 -15.64
C PRO A 113 -3.34 9.35 -15.97
N GLN A 114 -3.65 10.64 -16.13
CA GLN A 114 -2.59 11.58 -16.45
C GLN A 114 -1.75 11.93 -15.22
N ARG A 115 -2.35 11.95 -14.03
CA ARG A 115 -1.63 12.18 -12.79
C ARG A 115 -1.87 11.01 -11.86
N ALA A 116 -0.79 10.46 -11.31
CA ALA A 116 -0.87 9.24 -10.53
C ALA A 116 0.21 9.27 -9.46
N TYR A 117 -0.10 8.72 -8.30
CA TYR A 117 0.93 8.47 -7.29
C TYR A 117 0.92 6.98 -6.93
N SER A 118 2.04 6.51 -6.37
CA SER A 118 2.10 5.10 -6.00
C SER A 118 3.06 4.91 -4.83
N PHE A 119 2.70 4.01 -3.93
CA PHE A 119 3.55 3.58 -2.84
C PHE A 119 4.00 2.16 -3.13
N GLY A 120 5.30 1.92 -3.01
CA GLY A 120 5.82 0.61 -3.31
C GLY A 120 7.04 0.35 -2.45
N ASN A 121 7.49 -0.89 -2.52
CA ASN A 121 8.69 -1.33 -1.83
C ASN A 121 9.84 -1.45 -2.83
N ILE A 122 11.04 -1.16 -2.35
CA ILE A 122 12.25 -1.37 -3.14
C ILE A 122 13.24 -2.14 -2.27
N PHE A 123 14.14 -2.88 -2.91
CA PHE A 123 14.86 -3.95 -2.22
C PHE A 123 16.35 -3.93 -2.56
N ARG A 124 17.18 -4.06 -1.54
CA ARG A 124 18.62 -4.22 -1.72
C ARG A 124 19.01 -5.61 -1.23
N ASP A 125 19.71 -6.34 -2.09
CA ASP A 125 20.01 -7.75 -1.83
C ASP A 125 21.12 -7.88 -0.78
N ARG A 126 20.98 -8.87 0.09
CA ARG A 126 21.98 -9.22 1.09
C ARG A 126 22.78 -10.43 0.65
N GLN A 127 23.93 -10.61 1.27
CA GLN A 127 24.82 -11.71 0.91
C GLN A 127 24.88 -12.81 1.96
N ASP A 128 24.32 -12.58 3.15
CA ASP A 128 24.49 -13.47 4.29
C ASP A 128 23.27 -14.33 4.57
N GLY A 129 22.54 -14.73 3.53
CA GLY A 129 21.37 -15.56 3.72
C GLY A 129 20.17 -14.85 4.32
N GLY A 130 20.28 -13.56 4.66
CA GLY A 130 19.16 -12.83 5.20
C GLY A 130 18.24 -12.33 4.11
N GLN A 131 16.96 -12.13 4.48
CA GLN A 131 15.99 -11.55 3.57
C GLN A 131 16.49 -10.18 3.08
N PRO A 132 16.05 -9.74 1.90
CA PRO A 132 16.48 -8.43 1.41
C PRO A 132 16.02 -7.29 2.30
N ASP A 133 16.88 -6.28 2.43
CA ASP A 133 16.48 -5.01 3.03
C ASP A 133 15.38 -4.35 2.19
N VAL A 134 14.32 -3.89 2.85
CA VAL A 134 13.21 -3.23 2.19
C VAL A 134 13.22 -1.76 2.56
N TYR A 135 12.73 -0.91 1.64
CA TYR A 135 12.51 0.51 1.88
C TYR A 135 11.25 0.95 1.15
N GLY A 136 10.56 1.93 1.75
CA GLY A 136 9.36 2.48 1.13
C GLY A 136 9.67 3.66 0.23
N GLU A 137 9.16 3.62 -0.99
CA GLU A 137 9.28 4.70 -1.93
C GLU A 137 7.90 5.19 -2.33
N VAL A 138 7.76 6.50 -2.58
CA VAL A 138 6.57 7.04 -3.19
C VAL A 138 6.98 7.83 -4.43
N ASP A 139 6.26 7.61 -5.52
CA ASP A 139 6.41 8.33 -6.77
C ASP A 139 5.14 9.13 -7.06
N PHE A 140 5.31 10.27 -7.72
CA PHE A 140 4.24 11.04 -8.31
C PHE A 140 4.62 11.25 -9.77
N ASP A 141 3.71 10.91 -10.69
CA ASP A 141 4.05 10.90 -12.11
C ASP A 141 2.97 11.56 -12.93
N ILE A 142 3.37 12.30 -13.95
CA ILE A 142 2.46 12.90 -14.90
C ILE A 142 2.73 12.28 -16.26
N VAL A 143 1.71 11.62 -16.82
CA VAL A 143 1.82 10.81 -18.02
C VAL A 143 0.93 11.42 -19.07
N THR A 144 1.47 11.65 -20.27
CA THR A 144 0.72 12.30 -21.34
C THR A 144 0.97 11.54 -22.63
N THR A 145 0.08 11.74 -23.61
CA THR A 145 0.17 11.01 -24.87
C THR A 145 0.58 11.91 -26.04
N ASP A 146 1.04 13.13 -25.77
CA ASP A 146 1.61 13.96 -26.82
C ASP A 146 2.72 14.83 -26.22
N ALA A 147 3.54 15.39 -27.10
CA ALA A 147 4.60 16.31 -26.70
C ALA A 147 4.12 17.73 -26.40
N MET A 148 2.82 17.95 -26.20
CA MET A 148 2.34 19.29 -25.85
C MET A 148 2.72 19.60 -24.40
N ASP A 149 3.34 20.78 -24.20
CA ASP A 149 3.53 21.36 -22.86
C ASP A 149 4.29 20.43 -21.91
N LEU A 150 5.36 19.81 -22.42
CA LEU A 150 6.19 18.94 -21.58
C LEU A 150 6.74 19.71 -20.39
N ALA A 151 7.08 20.98 -20.58
CA ALA A 151 7.67 21.77 -19.51
C ALA A 151 6.64 22.13 -18.46
N MET A 152 5.38 22.36 -18.85
CA MET A 152 4.33 22.61 -17.84
C MET A 152 4.17 21.43 -16.90
N LYS A 153 4.00 20.23 -17.46
CA LYS A 153 3.93 19.02 -16.64
C LYS A 153 5.13 18.90 -15.71
N GLU A 154 6.32 19.21 -16.19
CA GLU A 154 7.51 19.13 -15.34
C GLU A 154 7.44 20.14 -14.21
N ALA A 155 6.95 21.35 -14.49
CA ALA A 155 6.76 22.35 -13.42
C ALA A 155 5.73 21.87 -12.41
N GLU A 156 4.71 21.12 -12.83
CA GLU A 156 3.72 20.65 -11.86
C GLU A 156 4.34 19.66 -10.87
N VAL A 157 5.21 18.76 -11.36
CA VAL A 157 5.90 17.83 -10.46
C VAL A 157 6.74 18.59 -9.45
N ILE A 158 7.45 19.61 -9.88
CA ILE A 158 8.19 20.46 -8.94
C ILE A 158 7.23 21.10 -7.94
N LYS A 159 6.08 21.58 -8.41
CA LYS A 159 5.12 22.21 -7.50
C LYS A 159 4.67 21.22 -6.42
N VAL A 160 4.40 19.97 -6.81
CA VAL A 160 3.98 18.98 -5.82
C VAL A 160 5.04 18.82 -4.74
N LEU A 161 6.32 18.81 -5.13
CA LEU A 161 7.38 18.71 -4.13
C LEU A 161 7.40 19.93 -3.21
N ASP A 162 7.23 21.12 -3.79
CA ASP A 162 7.18 22.33 -2.99
C ASP A 162 6.05 22.27 -1.96
N GLU A 163 4.89 21.74 -2.37
CA GLU A 163 3.77 21.57 -1.42
C GLU A 163 4.14 20.58 -0.32
N ILE A 164 4.79 19.47 -0.68
CA ILE A 164 5.30 18.55 0.33
C ILE A 164 6.21 19.30 1.30
N ILE A 165 7.14 20.10 0.76
CA ILE A 165 8.05 20.86 1.62
C ILE A 165 7.27 21.72 2.61
N ALA A 166 6.19 22.35 2.16
CA ALA A 166 5.49 23.27 3.04
C ALA A 166 4.72 22.53 4.13
N ALA A 167 4.19 21.34 3.82
CA ALA A 167 3.30 20.64 4.75
C ALA A 167 4.02 19.91 5.87
N PHE A 168 5.33 19.75 5.82
CA PHE A 168 5.89 18.91 6.85
C PHE A 168 6.86 19.67 7.75
N PRO A 169 6.87 19.35 9.05
CA PRO A 169 7.66 20.17 9.99
C PRO A 169 9.15 20.04 9.79
N THR A 170 9.64 18.88 9.35
CA THR A 170 11.07 18.66 9.16
C THR A 170 11.63 19.40 7.94
N THR A 171 10.79 19.83 6.99
CA THR A 171 11.26 20.55 5.82
C THR A 171 10.81 22.01 5.75
N SER A 172 9.69 22.38 6.37
CA SER A 172 9.05 23.67 6.10
C SER A 172 9.74 24.83 6.80
N SER A 173 10.73 24.58 7.65
CA SER A 173 11.44 25.61 8.36
C SER A 173 12.95 25.52 8.22
N THR A 174 13.46 24.55 7.45
CA THR A 174 14.80 24.22 6.98
C THR A 174 15.03 24.85 5.62
N PRO A 175 16.23 25.39 5.37
CA PRO A 175 16.50 25.94 4.02
C PRO A 175 16.53 24.82 3.00
N MET A 176 15.84 25.03 1.90
CA MET A 176 15.56 24.00 0.92
C MET A 176 15.80 24.57 -0.48
N CYS A 177 16.21 23.73 -1.42
CA CYS A 177 16.38 24.24 -2.77
C CYS A 177 16.15 23.13 -3.79
N PHE A 178 15.79 23.54 -5.00
CA PHE A 178 15.81 22.67 -6.18
C PHE A 178 17.05 22.97 -7.00
N GLN A 179 17.65 21.91 -7.56
CA GLN A 179 18.69 22.05 -8.56
C GLN A 179 18.20 21.39 -9.83
N LEU A 180 18.05 22.19 -10.90
CA LEU A 180 17.59 21.70 -12.20
C LEU A 180 18.77 21.49 -13.14
N GLY A 181 18.66 20.43 -13.95
CA GLY A 181 19.59 20.21 -15.02
C GLY A 181 18.86 19.50 -16.15
N HIS A 182 19.61 18.93 -17.09
CA HIS A 182 18.97 18.31 -18.23
C HIS A 182 19.94 17.33 -18.86
N SER A 183 19.42 16.17 -19.26
CA SER A 183 20.26 15.13 -19.85
C SER A 183 20.99 15.64 -21.09
N ASP A 184 20.30 16.41 -21.94
CA ASP A 184 20.96 16.90 -23.14
C ASP A 184 22.06 17.87 -22.79
N LEU A 185 21.86 18.67 -21.74
CA LEU A 185 22.93 19.55 -21.29
C LEU A 185 24.12 18.73 -20.79
N LEU A 186 23.83 17.69 -20.00
CA LEU A 186 24.92 16.91 -19.45
C LEU A 186 25.72 16.19 -20.56
N GLN A 187 25.03 15.75 -21.63
CA GLN A 187 25.73 15.04 -22.71
C GLN A 187 26.47 15.99 -23.63
N LEU A 188 25.96 17.23 -23.77
CA LEU A 188 26.70 18.24 -24.51
C LEU A 188 27.90 18.73 -23.72
N ILE A 189 27.78 18.80 -22.38
CA ILE A 189 28.95 19.14 -21.60
C ILE A 189 30.00 18.05 -21.76
N PHE A 190 29.56 16.79 -21.75
CA PHE A 190 30.45 15.65 -21.97
C PHE A 190 31.13 15.72 -23.36
N ASP A 191 30.38 16.07 -24.41
CA ASP A 191 30.99 16.23 -25.72
C ASP A 191 32.04 17.33 -25.70
N PHE A 192 31.64 18.50 -25.21
CA PHE A 192 32.52 19.64 -25.02
C PHE A 192 33.83 19.22 -24.35
N CYS A 193 33.73 18.43 -23.28
CA CYS A 193 34.90 18.03 -22.49
C CYS A 193 35.59 16.78 -23.02
N ASN A 194 35.16 16.23 -24.17
CA ASN A 194 35.79 15.08 -24.82
C ASN A 194 35.87 13.85 -23.92
N VAL A 195 34.79 13.56 -23.18
CA VAL A 195 34.67 12.34 -22.39
C VAL A 195 34.20 11.22 -23.32
N GLU A 196 34.96 10.13 -23.35
CA GLU A 196 34.58 8.98 -24.17
C GLU A 196 33.23 8.44 -23.71
N HIS A 197 32.46 7.92 -24.68
CA HIS A 197 31.12 7.42 -24.38
C HIS A 197 31.15 6.31 -23.33
N GLY A 198 32.02 5.30 -23.51
CA GLY A 198 32.13 4.25 -22.54
C GLY A 198 32.30 4.70 -21.10
N ALA A 199 32.79 5.91 -20.89
CA ALA A 199 33.03 6.40 -19.54
C ALA A 199 31.90 7.28 -19.02
N ARG A 200 30.87 7.54 -19.82
CA ARG A 200 29.91 8.57 -19.41
C ARG A 200 28.92 8.09 -18.35
N GLN A 201 28.54 6.81 -18.34
CA GLN A 201 27.61 6.37 -17.30
C GLN A 201 28.27 6.39 -15.93
N ALA A 202 29.52 5.94 -15.83
CA ALA A 202 30.22 6.04 -14.54
C ALA A 202 30.52 7.49 -14.19
N ALA A 203 30.84 8.32 -15.19
CA ALA A 203 31.05 9.75 -14.93
C ALA A 203 29.80 10.37 -14.32
N ALA A 204 28.64 10.14 -14.95
CA ALA A 204 27.40 10.67 -14.40
C ALA A 204 27.16 10.13 -12.99
N GLU A 205 27.54 8.87 -12.72
CA GLU A 205 27.27 8.30 -11.39
C GLU A 205 28.12 8.97 -10.33
N VAL A 206 29.40 9.21 -10.62
CA VAL A 206 30.24 10.01 -9.72
C VAL A 206 29.64 11.40 -9.54
N LEU A 207 29.31 12.08 -10.64
CA LEU A 207 28.79 13.46 -10.56
C LEU A 207 27.50 13.55 -9.76
N SER A 208 26.75 12.45 -9.66
CA SER A 208 25.49 12.54 -8.91
C SER A 208 25.70 12.74 -7.42
N LYS A 209 26.94 12.61 -6.92
CA LYS A 209 27.21 12.87 -5.50
C LYS A 209 27.80 14.24 -5.24
N LEU A 210 28.02 15.04 -6.28
CA LEU A 210 28.73 16.32 -6.17
C LEU A 210 28.08 17.24 -5.15
N ASN A 211 28.87 17.65 -4.16
CA ASN A 211 28.44 18.58 -3.08
C ASN A 211 27.30 18.01 -2.25
N ILE A 212 27.22 16.68 -2.20
CA ILE A 212 26.29 15.98 -1.34
C ILE A 212 27.12 15.28 -0.29
N ARG A 213 26.85 15.58 0.99
CA ARG A 213 27.48 14.92 2.12
C ARG A 213 29.01 15.03 2.06
N ASN A 214 29.49 16.24 1.77
CA ASN A 214 30.91 16.56 1.72
C ASN A 214 31.67 15.88 0.58
N PHE A 215 30.97 15.33 -0.41
CA PHE A 215 31.62 14.82 -1.61
C PHE A 215 31.91 15.99 -2.54
N THR A 216 33.00 16.70 -2.24
CA THR A 216 33.36 17.92 -2.96
C THR A 216 34.12 17.58 -4.25
N TRP A 217 34.38 18.62 -5.06
CA TRP A 217 34.96 18.42 -6.38
C TRP A 217 36.30 17.70 -6.32
N GLN A 218 37.06 17.87 -5.25
CA GLN A 218 38.29 17.11 -5.09
C GLN A 218 38.00 15.61 -5.09
N LYS A 219 36.99 15.18 -4.33
CA LYS A 219 36.59 13.77 -4.30
C LYS A 219 36.12 13.32 -5.67
N VAL A 220 35.27 14.12 -6.31
CA VAL A 220 34.80 13.82 -7.65
C VAL A 220 35.97 13.59 -8.61
N ARG A 221 36.99 14.45 -8.56
CA ARG A 221 38.08 14.35 -9.52
C ARG A 221 38.93 13.10 -9.27
N SER A 222 39.15 12.73 -8.01
CA SER A 222 39.79 11.46 -7.72
C SER A 222 39.05 10.33 -8.40
N GLU A 223 37.74 10.20 -8.14
CA GLU A 223 37.00 9.09 -8.71
C GLU A 223 37.01 9.13 -10.23
N LEU A 224 36.89 10.32 -10.82
CA LEU A 224 36.88 10.44 -12.28
C LEU A 224 38.23 10.04 -12.89
N ARG A 225 39.34 10.40 -12.25
CA ARG A 225 40.64 10.04 -12.81
C ARG A 225 41.03 8.59 -12.51
N SER A 226 40.40 7.97 -11.51
CA SER A 226 40.68 6.60 -11.08
C SER A 226 40.30 5.56 -12.14
N PRO A 227 40.73 4.31 -11.98
CA PRO A 227 40.29 3.26 -12.90
C PRO A 227 38.79 3.00 -12.87
N LEU A 228 38.10 3.45 -11.82
CA LEU A 228 36.65 3.28 -11.81
C LEU A 228 35.96 4.06 -12.93
N VAL A 229 36.64 5.03 -13.55
CA VAL A 229 36.05 5.81 -14.64
C VAL A 229 37.06 6.00 -15.77
N GLY A 230 38.26 6.52 -15.44
CA GLY A 230 39.33 6.60 -16.42
C GLY A 230 39.37 7.85 -17.29
N ILE A 231 38.73 8.94 -16.85
CA ILE A 231 38.75 10.20 -17.59
C ILE A 231 40.11 10.87 -17.47
N SER A 232 40.54 11.55 -18.53
CA SER A 232 41.83 12.22 -18.54
C SER A 232 41.83 13.49 -17.67
N ALA A 233 43.03 13.88 -17.24
CA ALA A 233 43.17 15.09 -16.45
C ALA A 233 42.67 16.31 -17.21
N THR A 234 42.85 16.33 -18.53
CA THR A 234 42.35 17.45 -19.32
C THR A 234 40.82 17.50 -19.30
N SER A 235 40.18 16.34 -19.46
CA SER A 235 38.72 16.31 -19.49
C SER A 235 38.13 16.72 -18.15
N VAL A 236 38.74 16.25 -17.04
CA VAL A 236 38.22 16.58 -15.72
C VAL A 236 38.38 18.07 -15.43
N ASP A 237 39.45 18.70 -15.92
CA ASP A 237 39.56 20.13 -15.68
C ASP A 237 38.51 20.89 -16.47
N GLU A 238 38.11 20.36 -17.61
CA GLU A 238 37.05 21.04 -18.37
C GLU A 238 35.69 20.83 -17.72
N LEU A 239 35.43 19.64 -17.16
CA LEU A 239 34.18 19.46 -16.45
C LEU A 239 34.09 20.41 -15.27
N GLN A 240 35.23 20.74 -14.65
CA GLN A 240 35.21 21.59 -13.46
C GLN A 240 34.71 22.99 -13.79
N ARG A 241 34.83 23.43 -15.04
CA ARG A 241 34.23 24.70 -15.43
C ARG A 241 32.72 24.70 -15.32
N PHE A 242 32.10 23.55 -15.02
CA PHE A 242 30.67 23.50 -14.83
C PHE A 242 30.29 23.15 -13.40
N ASP A 243 31.24 23.17 -12.46
CA ASP A 243 30.95 22.82 -11.07
C ASP A 243 30.43 24.06 -10.33
N TRP A 244 29.18 24.39 -10.60
CA TRP A 244 28.59 25.56 -9.99
C TRP A 244 27.09 25.44 -10.14
N ARG A 245 26.37 26.23 -9.37
CA ARG A 245 24.94 26.41 -9.53
C ARG A 245 24.67 27.89 -9.41
N ASP A 246 23.57 28.35 -9.98
CA ASP A 246 23.18 29.75 -9.89
C ASP A 246 21.70 29.86 -10.23
N THR A 247 21.14 31.03 -9.96
CA THR A 247 19.75 31.29 -10.31
C THR A 247 19.57 31.37 -11.83
N PRO A 248 18.38 31.05 -12.34
CA PRO A 248 18.28 30.65 -13.76
C PRO A 248 18.78 31.67 -14.77
N THR A 249 18.37 32.94 -14.66
CA THR A 249 18.76 33.91 -15.68
C THR A 249 20.28 34.06 -15.74
N LYS A 250 20.92 34.24 -14.58
CA LYS A 250 22.37 34.24 -14.54
C LYS A 250 22.95 32.95 -15.12
N ALA A 251 22.41 31.80 -14.69
CA ALA A 251 22.98 30.51 -15.08
C ALA A 251 22.97 30.34 -16.59
N PHE A 252 21.84 30.62 -17.24
CA PHE A 252 21.76 30.51 -18.69
C PHE A 252 22.85 31.33 -19.37
N THR A 253 23.07 32.54 -18.87
CA THR A 253 24.10 33.41 -19.41
C THR A 253 25.48 32.79 -19.24
N LYS A 254 25.77 32.30 -18.04
CA LYS A 254 27.07 31.70 -17.78
C LYS A 254 27.30 30.50 -18.69
N ILE A 255 26.23 29.72 -18.97
CA ILE A 255 26.38 28.52 -19.79
C ILE A 255 26.56 28.90 -21.26
N ARG A 256 25.75 29.84 -21.76
N ARG A 256 25.77 29.85 -21.75
CA ARG A 256 25.89 30.30 -23.13
CA ARG A 256 25.90 30.27 -23.14
C ARG A 256 27.31 30.79 -23.41
C ARG A 256 27.29 30.83 -23.43
N ASN A 257 27.92 31.50 -22.46
CA ASN A 257 29.29 31.97 -22.66
C ASN A 257 30.27 30.82 -22.68
N LEU A 258 30.07 29.81 -21.82
CA LEU A 258 30.94 28.65 -21.88
C LEU A 258 30.92 28.01 -23.27
N PHE A 259 29.76 27.93 -23.91
CA PHE A 259 29.64 27.21 -25.17
C PHE A 259 29.78 28.10 -26.40
N GLU A 260 30.09 29.38 -26.22
CA GLU A 260 30.12 30.31 -27.35
C GLU A 260 31.18 29.90 -28.38
N GLY A 261 30.78 29.88 -29.65
CA GLY A 261 31.67 29.51 -30.72
C GLY A 261 31.82 28.01 -30.99
N THR A 262 31.20 27.14 -30.21
CA THR A 262 31.31 25.70 -30.45
C THR A 262 30.13 25.20 -31.29
N GLU A 263 30.28 23.97 -31.80
CA GLU A 263 29.23 23.34 -32.58
C GLU A 263 28.02 22.96 -31.74
N TYR A 264 28.15 23.00 -30.41
CA TYR A 264 27.10 22.62 -29.49
C TYR A 264 26.17 23.78 -29.12
N TYR A 265 26.53 25.02 -29.49
CA TYR A 265 25.81 26.20 -29.00
C TYR A 265 24.32 26.13 -29.31
N ASP A 266 23.96 25.76 -30.55
CA ASP A 266 22.54 25.75 -30.89
C ASP A 266 21.78 24.77 -30.02
N LYS A 267 22.28 23.53 -29.87
CA LYS A 267 21.56 22.51 -29.12
C LYS A 267 21.51 22.84 -27.63
N VAL A 268 22.61 23.37 -27.06
CA VAL A 268 22.56 23.87 -25.69
C VAL A 268 21.43 24.89 -25.54
N SER A 269 21.34 25.81 -26.51
CA SER A 269 20.39 26.92 -26.40
C SER A 269 18.96 26.44 -26.37
N SER A 270 18.61 25.55 -27.30
CA SER A 270 17.35 24.82 -27.23
C SER A 270 17.08 24.31 -25.81
N THR A 271 18.08 23.63 -25.24
CA THR A 271 17.91 23.05 -23.92
C THR A 271 17.71 24.12 -22.86
N LEU A 272 18.41 25.23 -22.97
CA LEU A 272 18.24 26.28 -21.98
C LEU A 272 16.85 26.90 -22.09
N ALA A 273 16.29 26.93 -23.31
CA ALA A 273 14.97 27.53 -23.47
C ALA A 273 13.91 26.70 -22.76
N HIS A 274 14.00 25.38 -22.89
CA HIS A 274 13.11 24.49 -22.15
C HIS A 274 13.25 24.72 -20.65
N LEU A 275 14.48 24.68 -20.13
CA LEU A 275 14.67 24.92 -18.71
C LEU A 275 14.10 26.26 -18.29
N LYS A 276 14.21 27.27 -19.16
CA LYS A 276 13.63 28.58 -18.86
C LYS A 276 12.10 28.50 -18.77
N GLU A 277 11.49 27.79 -19.71
CA GLU A 277 10.04 27.59 -19.68
C GLU A 277 9.59 26.84 -18.42
N VAL A 278 10.36 25.85 -17.96
CA VAL A 278 10.02 25.23 -16.68
C VAL A 278 10.14 26.25 -15.56
N TYR A 279 11.15 27.13 -15.63
CA TYR A 279 11.28 28.16 -14.61
C TYR A 279 10.08 29.11 -14.64
N GLU A 280 9.63 29.51 -15.83
CA GLU A 280 8.48 30.40 -15.91
C GLU A 280 7.26 29.77 -15.27
N TYR A 281 6.94 28.54 -15.66
CA TYR A 281 5.77 27.88 -15.12
C TYR A 281 5.89 27.69 -13.62
N SER A 282 7.10 27.48 -13.09
CA SER A 282 7.18 27.28 -11.65
C SER A 282 6.85 28.56 -10.89
N LYS A 283 7.13 29.72 -11.49
CA LYS A 283 6.70 30.99 -10.91
C LYS A 283 5.18 31.14 -10.98
N LYS A 284 4.57 30.77 -12.11
CA LYS A 284 3.12 30.81 -12.21
C LYS A 284 2.45 29.84 -11.21
N PHE A 285 3.01 28.65 -11.01
CA PHE A 285 2.52 27.78 -9.95
C PHE A 285 2.86 28.32 -8.56
N LYS A 286 3.61 29.42 -8.48
CA LYS A 286 4.08 29.99 -7.21
C LYS A 286 4.84 28.94 -6.39
N VAL A 287 5.87 28.38 -7.00
CA VAL A 287 6.83 27.56 -6.28
C VAL A 287 7.65 28.45 -5.37
N ASN A 288 7.69 28.13 -4.09
CA ASN A 288 8.25 29.01 -3.08
C ASN A 288 9.70 28.68 -2.71
N THR A 289 10.10 27.42 -2.87
CA THR A 289 11.49 27.04 -2.63
C THR A 289 12.35 27.54 -3.78
N LYS A 290 13.56 28.00 -3.45
CA LYS A 290 14.39 28.64 -4.48
C LYS A 290 14.91 27.60 -5.47
N ILE A 291 15.08 28.05 -6.71
CA ILE A 291 15.45 27.18 -7.83
C ILE A 291 16.80 27.62 -8.36
N TYR A 292 17.73 26.67 -8.49
CA TYR A 292 18.99 26.89 -9.17
C TYR A 292 19.08 26.02 -10.42
N ILE A 293 19.84 26.49 -11.39
CA ILE A 293 20.31 25.61 -12.46
C ILE A 293 21.66 25.07 -12.01
N ALA A 294 21.82 23.74 -12.06
CA ALA A 294 23.12 23.09 -11.81
C ALA A 294 23.50 22.25 -13.02
N PRO A 295 24.33 22.76 -13.93
CA PRO A 295 24.55 22.08 -15.23
C PRO A 295 25.08 20.66 -15.13
N LEU A 296 25.68 20.24 -14.02
CA LEU A 296 26.13 18.86 -13.91
C LEU A 296 25.15 17.94 -13.17
N SER A 297 23.90 18.37 -12.99
CA SER A 297 22.85 17.49 -12.48
C SER A 297 22.86 16.17 -13.25
N SER A 298 22.76 15.05 -12.51
CA SER A 298 22.99 13.76 -13.15
C SER A 298 22.43 12.55 -12.38
N ILE A 299 21.64 12.79 -11.32
CA ILE A 299 21.05 11.68 -10.57
C ILE A 299 20.17 10.85 -11.49
N ASN A 300 20.53 9.56 -11.64
CA ASN A 300 19.78 8.61 -12.45
C ASN A 300 19.64 9.04 -13.91
N GLU A 301 20.65 9.73 -14.44
CA GLU A 301 20.56 10.30 -15.78
C GLU A 301 20.27 9.25 -16.83
N ALA A 302 20.68 7.99 -16.60
CA ALA A 302 20.41 6.94 -17.57
C ALA A 302 18.91 6.72 -17.78
N PHE A 303 18.08 7.02 -16.79
CA PHE A 303 16.63 6.87 -16.94
C PHE A 303 15.98 8.08 -17.60
N PHE A 304 16.70 9.20 -17.68
CA PHE A 304 16.16 10.49 -18.06
C PHE A 304 16.78 11.02 -19.34
N ARG A 305 17.30 10.12 -20.18
CA ARG A 305 18.00 10.49 -21.39
C ARG A 305 17.10 11.34 -22.28
N GLY A 306 17.58 12.54 -22.62
CA GLY A 306 16.79 13.46 -23.42
C GLY A 306 15.81 14.32 -22.65
N GLY A 307 15.79 14.24 -21.32
CA GLY A 307 14.78 14.94 -20.54
C GLY A 307 15.39 15.72 -19.39
N ILE A 308 14.52 16.48 -18.74
CA ILE A 308 14.94 17.25 -17.59
C ILE A 308 15.32 16.32 -16.44
N LEU A 309 16.22 16.82 -15.58
CA LEU A 309 16.63 16.17 -14.36
C LEU A 309 16.56 17.20 -13.25
N PHE A 310 16.11 16.78 -12.07
CA PHE A 310 16.01 17.72 -10.97
C PHE A 310 16.16 16.96 -9.66
N SER A 311 16.64 17.68 -8.66
CA SER A 311 16.77 17.15 -7.33
C SER A 311 16.27 18.21 -6.37
N CYS A 312 15.76 17.75 -5.25
CA CYS A 312 15.28 18.60 -4.18
C CYS A 312 16.19 18.34 -2.99
N LEU A 313 16.76 19.40 -2.43
CA LEU A 313 17.87 19.23 -1.50
C LEU A 313 17.65 20.01 -0.21
N TYR A 314 18.22 19.49 0.87
CA TYR A 314 18.37 20.27 2.08
C TYR A 314 19.50 21.24 1.85
N ASP A 315 19.17 22.52 1.69
CA ASP A 315 20.17 23.52 1.35
C ASP A 315 20.90 24.04 2.59
N ARG A 316 21.43 23.15 3.41
CA ARG A 316 22.28 23.59 4.50
C ARG A 316 23.74 23.55 4.06
N LYS A 317 24.66 23.80 5.00
CA LYS A 317 26.07 23.88 4.65
C LYS A 317 26.55 22.56 4.05
N VAL A 318 26.22 21.45 4.68
CA VAL A 318 26.41 20.12 4.12
C VAL A 318 25.07 19.66 3.56
N MET A 319 24.97 19.55 2.23
CA MET A 319 23.69 19.30 1.57
C MET A 319 23.35 17.82 1.56
N ASP A 320 22.04 17.54 1.52
CA ASP A 320 21.56 16.16 1.39
C ASP A 320 20.36 16.11 0.46
N VAL A 321 20.23 14.98 -0.23
CA VAL A 321 19.10 14.77 -1.14
C VAL A 321 17.83 14.47 -0.33
N PHE A 322 16.73 15.11 -0.71
CA PHE A 322 15.39 14.85 -0.20
C PHE A 322 14.56 14.03 -1.18
N ALA A 323 14.49 14.46 -2.43
CA ALA A 323 13.85 13.69 -3.49
C ALA A 323 14.52 14.04 -4.80
N ALA A 324 14.32 13.20 -5.81
CA ALA A 324 14.86 13.47 -7.13
C ALA A 324 13.89 12.93 -8.17
N GLY A 325 14.09 13.34 -9.42
CA GLY A 325 13.19 12.95 -10.48
C GLY A 325 13.68 13.40 -11.84
N GLY A 326 12.81 13.29 -12.83
CA GLY A 326 13.16 13.67 -14.18
C GLY A 326 12.13 13.17 -15.19
N ARG A 327 12.38 13.53 -16.45
CA ARG A 327 11.52 13.09 -17.53
C ARG A 327 12.10 11.82 -18.12
N TYR A 328 11.33 10.74 -18.08
CA TYR A 328 11.86 9.43 -18.41
C TYR A 328 11.16 8.84 -19.62
N ASP A 329 10.72 9.70 -20.54
CA ASP A 329 10.22 9.24 -21.83
C ASP A 329 11.11 8.15 -22.39
N SER A 330 12.43 8.36 -22.32
CA SER A 330 13.34 7.46 -23.03
C SER A 330 13.39 6.08 -22.37
N LEU A 331 13.11 6.00 -21.07
CA LEU A 331 13.07 4.69 -20.42
C LEU A 331 11.83 3.92 -20.82
N ILE A 332 10.75 4.62 -21.15
CA ILE A 332 9.61 3.97 -21.78
C ILE A 332 10.00 3.41 -23.15
N LYS A 333 10.68 4.23 -23.96
CA LYS A 333 11.03 3.80 -25.31
C LYS A 333 11.96 2.60 -25.29
N ALA A 334 12.96 2.60 -24.41
CA ALA A 334 13.89 1.48 -24.31
C ALA A 334 13.19 0.16 -23.98
N HIS A 335 11.96 0.21 -23.48
CA HIS A 335 11.17 -1.00 -23.24
C HIS A 335 10.28 -1.39 -24.41
N ARG A 336 10.15 -0.54 -25.43
CA ARG A 336 9.24 -0.84 -26.52
C ARG A 336 9.75 -2.06 -27.28
N PRO A 337 8.91 -3.08 -27.51
CA PRO A 337 9.39 -4.29 -28.21
C PRO A 337 9.56 -4.07 -29.71
N GLU A 345 4.75 6.70 -27.84
CA GLU A 345 3.64 7.67 -27.90
C GLU A 345 3.02 7.87 -26.52
N ARG A 346 3.83 7.66 -25.48
CA ARG A 346 3.48 8.12 -24.14
C ARG A 346 4.70 8.80 -23.55
N HIS A 347 4.45 9.84 -22.76
CA HIS A 347 5.50 10.64 -22.13
C HIS A 347 5.22 10.72 -20.64
N ALA A 348 6.28 10.88 -19.84
CA ALA A 348 6.12 10.82 -18.39
C ALA A 348 7.27 11.54 -17.69
N VAL A 349 6.93 12.26 -16.63
CA VAL A 349 7.87 12.91 -15.73
C VAL A 349 7.41 12.65 -14.31
N GLY A 350 8.36 12.50 -13.38
CA GLY A 350 7.95 12.27 -12.01
C GLY A 350 9.14 12.32 -11.09
N PHE A 351 8.87 12.15 -9.79
CA PHE A 351 9.90 12.13 -8.77
C PHE A 351 9.74 10.89 -7.91
N SER A 352 10.77 10.60 -7.13
CA SER A 352 10.71 9.51 -6.18
C SER A 352 11.23 10.02 -4.85
N LEU A 353 10.65 9.52 -3.77
CA LEU A 353 10.98 10.03 -2.44
C LEU A 353 10.86 8.90 -1.43
N ASN A 354 11.85 8.78 -0.55
CA ASN A 354 11.83 7.79 0.54
C ASN A 354 11.14 8.46 1.72
N TRP A 355 9.82 8.43 1.69
CA TRP A 355 9.03 9.23 2.61
C TRP A 355 9.23 8.81 4.06
N GLU A 356 9.43 7.51 4.34
CA GLU A 356 9.56 7.07 5.73
C GLU A 356 10.85 7.57 6.35
N LYS A 357 11.92 7.64 5.56
CA LYS A 357 13.19 8.13 6.08
C LYS A 357 13.18 9.65 6.21
N GLN A 358 12.71 10.35 5.17
CA GLN A 358 12.78 11.81 5.17
C GLN A 358 11.72 12.46 6.05
N LEU A 359 10.56 11.82 6.22
CA LEU A 359 9.45 12.49 6.89
C LEU A 359 8.92 11.76 8.13
N ALA A 360 8.94 10.42 8.16
CA ALA A 360 8.34 9.69 9.27
C ALA A 360 9.28 9.58 10.45
N LYS A 361 10.49 9.08 10.25
CA LYS A 361 11.47 9.05 11.33
C LYS A 361 11.72 10.47 11.80
N PRO A 362 11.45 10.78 13.08
CA PRO A 362 11.44 12.15 13.63
C PRO A 362 12.81 12.84 13.64
N GLN A 381 -0.61 21.45 17.40
CA GLN A 381 0.79 21.25 17.79
C GLN A 381 1.49 20.33 16.78
N GLY A 382 1.28 20.61 15.49
CA GLY A 382 1.87 19.83 14.43
C GLY A 382 0.95 18.73 13.96
N ILE A 383 1.33 18.13 12.83
CA ILE A 383 0.52 17.02 12.31
C ILE A 383 0.73 15.76 13.13
N PHE A 384 1.87 15.64 13.80
CA PHE A 384 2.13 14.48 14.63
C PHE A 384 1.42 14.54 15.98
N SER A 385 0.63 15.57 16.22
CA SER A 385 -0.18 15.63 17.43
C SER A 385 -1.42 14.75 17.34
N ALA A 386 -1.79 14.29 16.15
CA ALA A 386 -2.94 13.40 15.99
C ALA A 386 -2.75 12.13 16.81
N LYS A 387 -3.84 11.66 17.42
CA LYS A 387 -3.80 10.54 18.34
C LYS A 387 -4.09 9.24 17.60
N ARG A 388 -3.37 8.17 17.96
CA ARG A 388 -3.75 6.86 17.44
C ARG A 388 -5.19 6.52 17.80
N CYS A 389 -5.63 6.99 18.97
CA CYS A 389 -6.91 6.61 19.54
C CYS A 389 -7.33 7.71 20.51
N ASP A 390 -8.52 8.28 20.34
CA ASP A 390 -8.91 9.46 21.12
C ASP A 390 -9.46 9.13 22.50
N VAL A 391 -10.17 8.00 22.65
CA VAL A 391 -10.85 7.66 23.88
C VAL A 391 -10.40 6.27 24.34
N LEU A 392 -9.87 6.19 25.56
CA LEU A 392 -9.74 4.91 26.27
C LEU A 392 -10.97 4.72 27.15
N VAL A 393 -11.74 3.67 26.88
CA VAL A 393 -12.88 3.30 27.74
C VAL A 393 -12.37 2.33 28.80
N ALA A 394 -12.50 2.74 30.07
CA ALA A 394 -11.99 2.00 31.21
C ALA A 394 -13.07 1.87 32.28
N SER A 395 -12.77 1.07 33.30
CA SER A 395 -13.63 0.85 34.48
C SER A 395 -12.89 -0.04 35.47
N PHE A 396 -13.16 0.16 36.75
CA PHE A 396 -12.49 -0.60 37.79
C PHE A 396 -13.34 -1.76 38.30
N ASP A 397 -14.53 -1.96 37.74
CA ASP A 397 -15.33 -3.16 37.94
C ASP A 397 -15.19 -4.02 36.70
N PRO A 398 -14.54 -5.19 36.78
CA PRO A 398 -14.41 -6.05 35.59
C PRO A 398 -15.71 -6.28 34.84
N SER A 399 -16.81 -6.50 35.56
CA SER A 399 -18.08 -6.79 34.90
C SER A 399 -18.71 -5.56 34.27
N ILE A 400 -18.51 -4.39 34.88
CA ILE A 400 -18.95 -3.14 34.24
C ILE A 400 -18.12 -2.88 32.98
N LEU A 401 -16.82 -3.14 33.05
CA LEU A 401 -15.96 -2.95 31.87
C LEU A 401 -16.46 -3.79 30.70
N ARG A 402 -16.95 -5.00 30.97
CA ARG A 402 -17.29 -5.96 29.92
C ARG A 402 -18.77 -5.97 29.59
N SER A 403 -19.54 -5.04 30.14
CA SER A 403 -20.90 -4.80 29.68
C SER A 403 -21.08 -3.36 29.26
N SER A 404 -21.09 -2.42 30.21
CA SER A 404 -21.25 -1.01 29.88
C SER A 404 -20.08 -0.49 29.07
N GLY A 405 -18.86 -0.93 29.40
CA GLY A 405 -17.70 -0.54 28.60
C GLY A 405 -17.90 -0.81 27.12
N ILE A 406 -18.43 -2.00 26.79
CA ILE A 406 -18.59 -2.37 25.40
C ILE A 406 -19.67 -1.52 24.74
N GLU A 407 -20.76 -1.24 25.46
CA GLU A 407 -21.85 -0.51 24.83
C GLU A 407 -21.45 0.93 24.54
N LEU A 408 -20.77 1.55 25.49
CA LEU A 408 -20.19 2.87 25.24
C LEU A 408 -19.26 2.79 24.03
N LEU A 409 -18.34 1.84 24.04
CA LEU A 409 -17.35 1.66 22.98
C LEU A 409 -18.02 1.62 21.60
N GLN A 410 -18.95 0.68 21.41
CA GLN A 410 -19.58 0.59 20.10
C GLN A 410 -20.37 1.85 19.77
N MET A 411 -20.88 2.57 20.78
CA MET A 411 -21.59 3.81 20.52
C MET A 411 -20.64 4.87 19.97
N LEU A 412 -19.46 5.01 20.58
CA LEU A 412 -18.45 5.91 20.05
C LEU A 412 -18.11 5.59 18.59
N TRP A 413 -17.87 4.30 18.28
CA TRP A 413 -17.49 3.95 16.92
C TRP A 413 -18.57 4.36 15.93
N ALA A 414 -19.84 4.16 16.29
CA ALA A 414 -20.92 4.48 15.36
C ALA A 414 -21.04 5.98 15.09
N HIS A 415 -20.45 6.82 15.94
CA HIS A 415 -20.45 8.26 15.74
C HIS A 415 -19.11 8.77 15.25
N GLY A 416 -18.25 7.87 14.75
CA GLY A 416 -16.99 8.23 14.16
C GLY A 416 -15.87 8.53 15.12
N ILE A 417 -16.03 8.25 16.40
CA ILE A 417 -15.00 8.57 17.38
C ILE A 417 -14.08 7.37 17.57
N SER A 418 -12.78 7.63 17.63
CA SER A 418 -11.81 6.56 17.75
C SER A 418 -11.64 6.20 19.23
N ALA A 419 -11.81 4.92 19.56
CA ALA A 419 -11.83 4.49 20.96
C ALA A 419 -11.38 3.04 21.07
N GLU A 420 -10.89 2.68 22.26
CA GLU A 420 -10.57 1.29 22.56
C GLU A 420 -10.82 1.01 24.05
N LEU A 421 -10.96 -0.27 24.37
CA LEU A 421 -11.26 -0.73 25.72
C LEU A 421 -9.99 -0.97 26.53
N ALA A 422 -10.01 -0.53 27.78
CA ALA A 422 -8.86 -0.77 28.64
C ALA A 422 -8.84 -2.22 29.11
N ARG A 423 -7.70 -2.65 29.60
CA ARG A 423 -7.63 -3.88 30.36
C ARG A 423 -8.12 -3.63 31.78
N ASP A 424 -8.27 -4.71 32.56
CA ASP A 424 -8.68 -4.54 33.95
C ASP A 424 -7.69 -3.64 34.68
N ALA A 425 -8.16 -2.95 35.71
CA ALA A 425 -7.30 -2.08 36.49
C ALA A 425 -7.95 -1.79 37.84
N ARG A 426 -7.11 -1.62 38.88
CA ARG A 426 -7.65 -1.45 40.22
C ARG A 426 -8.03 -0.01 40.53
N SER A 427 -7.25 0.96 40.05
CA SER A 427 -7.43 2.33 40.48
C SER A 427 -6.91 3.25 39.39
N PRO A 428 -7.39 4.51 39.34
CA PRO A 428 -6.85 5.44 38.33
C PRO A 428 -5.35 5.60 38.39
N GLU A 429 -4.76 5.50 39.59
CA GLU A 429 -3.31 5.48 39.72
C GLU A 429 -2.70 4.35 38.88
N ASP A 430 -3.27 3.15 38.97
CA ASP A 430 -2.68 2.02 38.26
C ASP A 430 -3.09 2.00 36.80
N LEU A 431 -4.24 2.58 36.47
CA LEU A 431 -4.63 2.70 35.07
C LEU A 431 -3.70 3.63 34.30
N LEU A 432 -3.42 4.82 34.86
CA LEU A 432 -2.50 5.72 34.17
C LEU A 432 -1.09 5.16 34.13
N THR A 433 -0.72 4.35 35.12
CA THR A 433 0.58 3.68 35.09
C THR A 433 0.62 2.61 34.00
N THR A 434 -0.44 1.80 33.88
CA THR A 434 -0.46 0.77 32.83
C THR A 434 -0.35 1.40 31.44
N TYR A 435 -0.97 2.55 31.23
CA TYR A 435 -0.99 3.20 29.93
C TYR A 435 -0.03 4.38 29.84
N ARG A 436 1.16 4.23 30.43
CA ARG A 436 2.22 5.25 30.33
C ARG A 436 2.48 5.65 28.88
N ASP A 437 2.59 4.65 28.01
CA ASP A 437 3.13 4.81 26.66
C ASP A 437 2.05 5.02 25.62
N GLU A 438 0.88 5.46 26.02
CA GLU A 438 -0.15 5.83 25.08
C GLU A 438 -0.48 7.31 25.25
N SER A 439 -1.03 7.90 24.20
CA SER A 439 -1.51 9.28 24.26
C SER A 439 -2.96 9.30 23.76
N TYR A 440 -3.90 9.57 24.66
CA TYR A 440 -5.30 9.68 24.33
C TYR A 440 -5.73 11.14 24.38
N SER A 441 -6.88 11.44 23.79
CA SER A 441 -7.48 12.74 24.09
C SER A 441 -8.19 12.70 25.45
N TRP A 442 -8.99 11.66 25.70
CA TRP A 442 -9.74 11.53 26.95
C TRP A 442 -9.71 10.09 27.45
N ILE A 443 -9.68 9.93 28.77
CA ILE A 443 -9.93 8.65 29.41
C ILE A 443 -11.31 8.71 30.05
N VAL A 444 -12.15 7.71 29.76
CA VAL A 444 -13.52 7.65 30.22
C VAL A 444 -13.65 6.44 31.15
N ILE A 445 -13.89 6.71 32.43
CA ILE A 445 -13.97 5.68 33.48
C ILE A 445 -15.43 5.46 33.82
N ILE A 446 -15.91 4.22 33.64
CA ILE A 446 -17.30 3.90 33.96
C ILE A 446 -17.40 3.43 35.39
N LYS A 447 -18.45 3.88 36.08
CA LYS A 447 -18.78 3.36 37.41
C LYS A 447 -20.27 3.06 37.48
N GLN A 448 -20.75 2.82 38.69
CA GLN A 448 -22.13 2.40 38.90
C GLN A 448 -23.10 3.54 38.58
N GLU A 449 -24.34 3.15 38.23
CA GLU A 449 -25.45 4.07 38.02
C GLU A 449 -25.22 4.99 36.81
N SER A 450 -24.60 4.44 35.75
CA SER A 450 -24.46 5.10 34.45
C SER A 450 -23.80 6.48 34.59
N GLN A 451 -22.72 6.52 35.37
CA GLN A 451 -21.96 7.74 35.60
C GLN A 451 -20.53 7.54 35.12
N LEU A 452 -19.98 8.55 34.44
CA LEU A 452 -18.63 8.50 33.86
C LEU A 452 -17.74 9.56 34.51
N LYS A 453 -16.49 9.20 34.73
CA LYS A 453 -15.45 10.18 35.01
C LYS A 453 -14.62 10.36 33.74
N ILE A 454 -14.34 11.61 33.41
CA ILE A 454 -13.62 11.93 32.18
C ILE A 454 -12.35 12.68 32.57
N LYS A 455 -11.21 12.08 32.28
CA LYS A 455 -9.93 12.77 32.43
C LYS A 455 -9.51 13.30 31.06
N THR A 456 -9.28 14.60 30.97
CA THR A 456 -8.85 15.23 29.74
C THR A 456 -7.32 15.08 29.65
N MET A 457 -6.84 14.40 28.61
CA MET A 457 -5.44 14.02 28.52
C MET A 457 -4.65 14.84 27.52
N HIS A 458 -5.32 15.41 26.52
CA HIS A 458 -4.72 16.28 25.51
C HIS A 458 -4.51 17.71 26.01
N ARG A 459 -4.71 17.95 27.30
CA ARG A 459 -4.57 19.25 27.94
C ARG A 459 -4.32 19.00 29.41
N LYS A 460 -3.42 19.79 30.00
CA LYS A 460 -3.00 19.55 31.37
C LYS A 460 -3.56 20.55 32.38
N ASP A 461 -4.52 21.37 31.97
CA ASP A 461 -5.15 22.35 32.85
C ASP A 461 -6.64 22.08 33.05
N VAL A 462 -7.12 20.91 32.64
CA VAL A 462 -8.55 20.61 32.64
C VAL A 462 -8.82 19.56 33.70
N PRO A 463 -9.57 19.89 34.76
CA PRO A 463 -9.84 18.91 35.81
C PRO A 463 -10.81 17.84 35.35
N ASP A 464 -10.91 16.79 36.16
CA ASP A 464 -11.84 15.69 35.86
C ASP A 464 -13.28 16.12 36.09
N ALA A 465 -14.20 15.44 35.40
CA ALA A 465 -15.60 15.82 35.43
C ALA A 465 -16.48 14.59 35.33
N ASP A 466 -17.51 14.55 36.16
CA ASP A 466 -18.49 13.47 36.15
C ASP A 466 -19.71 13.91 35.37
N ILE A 467 -20.15 13.08 34.42
CA ILE A 467 -21.30 13.38 33.58
C ILE A 467 -22.20 12.17 33.53
N GLN A 468 -23.44 12.38 33.09
CA GLN A 468 -24.36 11.28 32.83
C GLN A 468 -24.07 10.72 31.44
N ALA A 469 -24.06 9.38 31.34
CA ALA A 469 -23.60 8.71 30.12
C ALA A 469 -24.38 9.15 28.89
N LYS A 470 -25.67 9.47 29.04
CA LYS A 470 -26.44 10.04 27.92
C LYS A 470 -25.82 11.32 27.37
N ASP A 471 -24.90 11.95 28.09
CA ASP A 471 -24.34 13.23 27.69
C ASP A 471 -22.92 13.14 27.13
N LEU A 472 -22.42 11.93 26.84
CA LEU A 472 -21.02 11.80 26.44
C LEU A 472 -20.78 12.44 25.08
N LEU A 473 -21.70 12.25 24.14
CA LEU A 473 -21.54 12.87 22.82
C LEU A 473 -21.51 14.38 22.93
N ALA A 474 -22.52 14.96 23.60
CA ALA A 474 -22.57 16.41 23.76
C ALA A 474 -21.35 16.93 24.53
N TRP A 475 -20.82 16.15 25.47
CA TRP A 475 -19.67 16.62 26.21
C TRP A 475 -18.42 16.63 25.33
N LEU A 476 -18.35 15.70 24.38
CA LEU A 476 -17.19 15.63 23.50
C LEU A 476 -17.24 16.72 22.44
N LYS A 477 -18.40 16.89 21.81
CA LYS A 477 -18.54 17.94 20.81
C LYS A 477 -18.24 19.32 21.39
N ALA A 478 -18.53 19.52 22.68
CA ALA A 478 -18.26 20.79 23.33
C ALA A 478 -16.76 21.07 23.47
N GLU A 479 -15.97 20.03 23.70
CA GLU A 479 -14.52 20.15 23.84
C GLU A 479 -13.78 20.06 22.50
N ILE A 480 -14.48 20.23 21.37
CA ILE A 480 -13.79 20.33 20.08
C ILE A 480 -14.35 21.53 19.31
N ASP B 3 20.76 -36.90 -4.23
CA ASP B 3 21.59 -36.18 -3.28
C ASP B 3 21.37 -34.68 -3.45
N PRO B 4 20.87 -34.01 -2.40
CA PRO B 4 20.88 -32.53 -2.42
C PRO B 4 22.27 -31.94 -2.27
N ASN B 5 23.26 -32.73 -1.85
CA ASN B 5 24.65 -32.31 -1.85
C ASN B 5 25.32 -32.59 -3.20
N SER B 6 24.54 -32.42 -4.33
CA SER B 6 24.89 -32.70 -5.72
C SER B 6 25.42 -31.44 -6.41
N PRO B 7 26.59 -31.52 -7.04
CA PRO B 7 27.16 -30.31 -7.67
C PRO B 7 26.41 -29.87 -8.92
N TYR B 8 25.54 -30.72 -9.47
CA TYR B 8 24.65 -30.27 -10.52
C TYR B 8 23.80 -29.10 -10.06
N PHE B 9 23.53 -29.01 -8.75
CA PHE B 9 22.66 -27.95 -8.25
C PHE B 9 23.33 -26.58 -8.35
N GLU B 10 24.53 -26.42 -7.80
CA GLU B 10 25.26 -25.17 -8.01
C GLU B 10 25.37 -24.88 -9.50
N LYS B 11 25.96 -25.82 -10.24
CA LYS B 11 26.35 -25.58 -11.63
C LYS B 11 25.22 -24.97 -12.43
N VAL B 12 24.01 -25.53 -12.31
CA VAL B 12 22.85 -25.02 -13.05
C VAL B 12 22.29 -23.72 -12.44
N LEU B 13 22.49 -23.50 -11.14
CA LEU B 13 22.05 -22.22 -10.57
C LEU B 13 22.91 -21.08 -11.09
N GLY B 14 24.22 -21.15 -10.86
CA GLY B 14 25.12 -20.15 -11.40
C GLY B 14 24.92 -19.94 -12.89
N SER B 15 24.73 -21.04 -13.62
CA SER B 15 24.57 -20.93 -15.06
C SER B 15 23.27 -20.20 -15.41
N LEU B 16 22.17 -20.53 -14.75
CA LEU B 16 20.89 -19.95 -15.12
C LEU B 16 20.76 -18.49 -14.69
N PHE B 17 21.41 -18.11 -13.59
CA PHE B 17 21.44 -16.71 -13.18
C PHE B 17 22.33 -15.86 -14.08
N ALA B 18 23.05 -16.48 -15.01
CA ALA B 18 23.95 -15.77 -15.92
C ALA B 18 23.40 -15.66 -17.33
N ARG B 19 22.49 -16.55 -17.73
CA ARG B 19 21.86 -16.39 -19.02
C ARG B 19 21.08 -15.07 -19.06
N GLN B 20 20.96 -14.49 -20.24
CA GLN B 20 20.13 -13.30 -20.39
C GLN B 20 18.74 -13.71 -20.86
N VAL B 21 17.78 -12.83 -20.63
CA VAL B 21 16.36 -13.15 -20.84
C VAL B 21 16.13 -13.55 -22.29
N GLU B 22 15.70 -14.80 -22.49
CA GLU B 22 15.17 -15.21 -23.78
C GLU B 22 14.07 -14.24 -24.19
N PRO B 23 14.21 -13.55 -25.33
CA PRO B 23 13.30 -12.42 -25.63
C PRO B 23 11.83 -12.79 -25.64
N ALA B 24 11.47 -13.90 -26.29
CA ALA B 24 10.08 -14.33 -26.31
C ALA B 24 9.50 -14.43 -24.90
N LYS B 25 10.32 -14.85 -23.93
CA LYS B 25 9.87 -14.92 -22.54
C LYS B 25 9.68 -13.53 -21.94
N ASP B 26 10.48 -12.55 -22.37
CA ASP B 26 10.31 -11.19 -21.86
C ASP B 26 9.01 -10.56 -22.36
N TYR B 27 8.63 -10.82 -23.61
CA TYR B 27 7.38 -10.27 -24.10
C TYR B 27 6.19 -11.06 -23.60
N ALA B 28 6.38 -12.34 -23.25
CA ALA B 28 5.24 -13.11 -22.75
C ALA B 28 4.88 -12.68 -21.34
N TRP B 29 5.86 -12.20 -20.57
CA TRP B 29 5.62 -11.80 -19.19
C TRP B 29 4.41 -10.89 -19.05
N ASP B 30 4.19 -9.98 -20.02
CA ASP B 30 3.11 -9.02 -19.89
C ASP B 30 2.40 -8.73 -21.22
N MET B 31 2.43 -9.68 -22.17
CA MET B 31 1.67 -9.52 -23.40
C MET B 31 0.19 -9.32 -23.06
N GLY B 32 -0.37 -8.20 -23.52
CA GLY B 32 -1.79 -7.96 -23.33
C GLY B 32 -2.23 -7.71 -21.90
N SER B 33 -1.30 -7.51 -20.97
CA SER B 33 -1.69 -7.09 -19.64
C SER B 33 -2.37 -5.73 -19.72
N THR B 34 -3.45 -5.59 -18.96
CA THR B 34 -4.30 -4.40 -19.00
C THR B 34 -4.25 -3.71 -17.65
N LEU B 35 -4.20 -2.38 -17.69
CA LEU B 35 -4.27 -1.60 -16.46
C LEU B 35 -5.73 -1.39 -16.09
N PRO B 36 -6.01 -1.11 -14.81
CA PRO B 36 -7.36 -0.64 -14.48
C PRO B 36 -7.65 0.65 -15.23
N THR B 37 -8.93 0.86 -15.53
CA THR B 37 -9.35 2.15 -16.05
C THR B 37 -9.12 3.22 -14.99
N PRO B 38 -9.11 4.50 -15.37
CA PRO B 38 -9.10 5.54 -14.34
C PRO B 38 -10.32 5.50 -13.44
N ASP B 39 -11.47 5.04 -13.96
CA ASP B 39 -12.64 4.89 -13.11
C ASP B 39 -12.40 3.83 -12.04
N ASP B 40 -11.91 2.65 -12.47
CA ASP B 40 -11.57 1.61 -11.49
C ASP B 40 -10.66 2.15 -10.40
N LEU B 41 -9.67 2.98 -10.77
CA LEU B 41 -8.70 3.46 -9.80
C LEU B 41 -9.32 4.41 -8.78
N MET B 42 -10.26 5.26 -9.22
CA MET B 42 -10.94 6.14 -8.25
C MET B 42 -11.88 5.35 -7.35
N ARG B 43 -12.53 4.32 -7.88
CA ARG B 43 -13.37 3.47 -7.04
C ARG B 43 -12.52 2.70 -6.02
N ARG B 44 -11.36 2.18 -6.45
CA ARG B 44 -10.49 1.52 -5.50
C ARG B 44 -10.01 2.50 -4.43
N PHE B 45 -9.75 3.75 -4.80
CA PHE B 45 -9.38 4.74 -3.80
C PHE B 45 -10.51 4.99 -2.81
N ILE B 46 -11.76 5.08 -3.29
CA ILE B 46 -12.86 5.35 -2.38
C ILE B 46 -13.06 4.18 -1.41
N VAL B 47 -13.04 2.95 -1.95
CA VAL B 47 -13.20 1.78 -1.11
C VAL B 47 -12.11 1.73 -0.04
N LYS B 48 -10.84 1.84 -0.46
CA LYS B 48 -9.75 1.77 0.50
C LYS B 48 -9.86 2.87 1.55
N ASP B 49 -10.40 4.02 1.16
CA ASP B 49 -10.53 5.12 2.11
C ASP B 49 -11.62 4.82 3.13
N THR B 50 -12.76 4.32 2.68
CA THR B 50 -13.83 3.93 3.61
C THR B 50 -13.36 2.83 4.55
N LEU B 51 -12.59 1.87 4.04
CA LEU B 51 -12.07 0.80 4.89
C LEU B 51 -11.19 1.36 5.99
N ILE B 52 -10.26 2.26 5.64
CA ILE B 52 -9.33 2.77 6.63
C ILE B 52 -10.04 3.60 7.68
N THR B 53 -11.13 4.28 7.30
CA THR B 53 -11.89 5.05 8.28
C THR B 53 -12.48 4.13 9.35
N ILE B 54 -13.02 2.98 8.94
CA ILE B 54 -13.53 1.99 9.88
C ILE B 54 -12.41 1.48 10.79
N PHE B 55 -11.25 1.14 10.22
CA PHE B 55 -10.17 0.59 11.04
C PHE B 55 -9.68 1.62 12.06
N ARG B 56 -9.57 2.89 11.65
CA ARG B 56 -8.97 3.88 12.54
C ARG B 56 -9.86 4.14 13.75
N ARG B 57 -11.19 4.02 13.57
CA ARG B 57 -12.14 4.09 14.69
C ARG B 57 -11.75 3.18 15.85
N HIS B 58 -11.16 2.03 15.56
CA HIS B 58 -10.77 1.07 16.59
C HIS B 58 -9.37 1.33 17.14
N GLY B 59 -8.71 2.39 16.69
CA GLY B 59 -7.33 2.62 17.07
C GLY B 59 -6.33 1.74 16.36
N ALA B 60 -6.69 1.21 15.18
CA ALA B 60 -5.77 0.37 14.43
C ALA B 60 -4.86 1.25 13.58
N VAL B 61 -3.63 0.77 13.38
CA VAL B 61 -2.70 1.38 12.45
C VAL B 61 -2.36 0.36 11.39
N GLU B 62 -1.74 0.83 10.31
CA GLU B 62 -1.36 -0.04 9.22
C GLU B 62 0.00 -0.65 9.52
N ALA B 63 0.10 -1.97 9.37
CA ALA B 63 1.33 -2.71 9.52
C ALA B 63 1.86 -3.17 8.16
N PRO B 64 3.17 -3.27 7.99
CA PRO B 64 3.71 -3.76 6.72
C PRO B 64 3.57 -5.27 6.63
N THR B 65 3.62 -5.76 5.40
CA THR B 65 3.55 -7.19 5.14
C THR B 65 4.79 -7.66 4.39
N ALA B 66 5.19 -8.89 4.66
CA ALA B 66 6.31 -9.49 3.97
C ALA B 66 6.00 -9.67 2.49
N THR B 67 7.00 -9.47 1.65
CA THR B 67 6.85 -9.66 0.21
C THR B 67 7.12 -11.10 -0.23
N LEU B 68 8.03 -11.80 0.43
CA LEU B 68 8.34 -13.18 0.06
C LEU B 68 9.09 -13.83 1.21
N TYR B 69 9.08 -15.16 1.22
CA TYR B 69 9.64 -15.96 2.31
C TYR B 69 9.78 -17.40 1.83
N PRO B 70 10.54 -18.24 2.56
CA PRO B 70 10.66 -19.66 2.20
C PRO B 70 9.30 -20.32 2.03
N LYS B 71 9.16 -21.13 0.99
CA LYS B 71 7.84 -21.67 0.65
C LYS B 71 7.27 -22.46 1.82
N SER B 72 5.94 -22.46 1.92
CA SER B 72 5.24 -23.28 2.90
C SER B 72 4.72 -24.55 2.23
N SER B 73 4.76 -25.66 2.96
CA SER B 73 4.22 -26.91 2.42
C SER B 73 2.69 -26.95 2.43
N HIS B 74 2.00 -26.01 3.07
N HIS B 74 2.03 -25.97 3.07
CA HIS B 74 0.55 -26.06 3.09
CA HIS B 74 0.58 -25.89 3.17
C HIS B 74 -0.05 -25.91 1.69
C HIS B 74 -0.11 -25.55 1.85
N TYR B 75 0.62 -25.16 0.81
CA TYR B 75 0.02 -24.73 -0.44
C TYR B 75 0.22 -25.72 -1.59
N GLY B 76 -0.69 -25.63 -2.56
CA GLY B 76 -0.63 -26.45 -3.73
C GLY B 76 0.13 -25.79 -4.88
N PRO B 77 -0.10 -26.29 -6.10
CA PRO B 77 0.66 -25.80 -7.26
C PRO B 77 0.31 -24.38 -7.66
N ASN B 78 -0.78 -23.84 -7.10
CA ASN B 78 -1.18 -22.46 -7.37
C ASN B 78 -0.13 -21.47 -6.90
N ALA B 79 0.63 -21.80 -5.85
CA ALA B 79 1.58 -20.85 -5.26
C ALA B 79 2.70 -20.52 -6.24
N VAL B 80 3.07 -19.24 -6.29
CA VAL B 80 4.21 -18.80 -7.07
C VAL B 80 5.49 -19.16 -6.32
N HIS B 81 6.34 -19.96 -6.95
CA HIS B 81 7.60 -20.38 -6.35
C HIS B 81 8.75 -19.70 -7.09
N LEU B 82 9.76 -19.28 -6.33
CA LEU B 82 10.94 -18.61 -6.88
C LEU B 82 12.19 -19.07 -6.13
N LEU B 83 13.32 -19.09 -6.83
CA LEU B 83 14.60 -19.49 -6.28
C LEU B 83 15.50 -18.28 -6.14
N ASP B 84 16.14 -18.14 -4.99
CA ASP B 84 17.19 -17.14 -4.87
C ASP B 84 18.55 -17.78 -5.15
N ARG B 85 19.62 -16.98 -5.10
CA ARG B 85 20.93 -17.46 -5.55
C ARG B 85 21.47 -18.62 -4.70
N ASN B 86 20.98 -18.80 -3.48
CA ASN B 86 21.40 -19.95 -2.69
C ASN B 86 20.62 -21.21 -3.02
N GLY B 87 19.69 -21.15 -3.95
CA GLY B 87 18.83 -22.30 -4.19
C GLY B 87 17.73 -22.49 -3.18
N THR B 88 17.48 -21.52 -2.31
CA THR B 88 16.33 -21.59 -1.42
C THR B 88 15.06 -21.35 -2.23
N VAL B 89 14.06 -22.19 -2.03
CA VAL B 89 12.75 -21.98 -2.65
C VAL B 89 11.94 -21.02 -1.78
N LEU B 90 11.51 -19.91 -2.39
CA LEU B 90 10.70 -18.87 -1.77
C LEU B 90 9.32 -18.82 -2.44
N GLN B 91 8.34 -18.22 -1.76
CA GLN B 91 7.07 -17.97 -2.42
C GLN B 91 6.63 -16.52 -2.32
N LEU B 92 5.86 -16.08 -3.31
CA LEU B 92 4.99 -14.94 -3.12
C LEU B 92 3.79 -15.38 -2.29
N PRO B 93 3.17 -14.45 -1.54
CA PRO B 93 2.10 -14.84 -0.64
C PRO B 93 0.88 -15.36 -1.40
N CYS B 94 0.22 -16.36 -0.83
CA CYS B 94 -1.14 -16.74 -1.19
C CYS B 94 -2.19 -16.15 -0.25
N ASP B 95 -1.76 -15.53 0.85
CA ASP B 95 -2.64 -14.88 1.81
C ASP B 95 -1.73 -14.12 2.75
N LEU B 96 -2.30 -13.19 3.51
CA LEU B 96 -1.47 -12.38 4.38
C LEU B 96 -1.19 -13.02 5.74
N VAL B 97 -1.98 -14.02 6.13
CA VAL B 97 -1.80 -14.59 7.46
C VAL B 97 -0.49 -15.37 7.56
N MET B 98 -0.06 -16.04 6.48
CA MET B 98 1.16 -16.83 6.56
C MET B 98 2.38 -15.96 6.86
N GLY B 99 2.57 -14.90 6.09
CA GLY B 99 3.68 -13.99 6.35
C GLY B 99 3.58 -13.30 7.70
N HIS B 100 2.37 -12.94 8.11
CA HIS B 100 2.15 -12.31 9.42
C HIS B 100 2.47 -13.26 10.58
N ALA B 101 2.04 -14.52 10.48
CA ALA B 101 2.31 -15.47 11.55
C ALA B 101 3.80 -15.80 11.63
N ARG B 102 4.45 -15.93 10.49
CA ARG B 102 5.90 -16.16 10.51
C ARG B 102 6.61 -15.02 11.20
N SER B 103 6.27 -13.76 10.87
CA SER B 103 7.03 -12.66 11.43
C SER B 103 6.82 -12.57 12.92
N LEU B 104 5.58 -12.77 13.39
CA LEU B 104 5.31 -12.81 14.82
C LEU B 104 6.15 -13.86 15.54
N ALA B 105 6.48 -14.96 14.87
CA ALA B 105 7.27 -16.00 15.50
C ALA B 105 8.77 -15.74 15.44
N ARG B 106 9.27 -15.11 14.38
CA ARG B 106 10.70 -14.98 14.14
C ARG B 106 11.30 -13.62 14.50
N ILE B 107 10.49 -12.56 14.60
CA ILE B 107 11.06 -11.25 14.92
C ILE B 107 11.47 -11.15 16.39
N ALA B 108 10.79 -11.89 17.28
CA ALA B 108 11.09 -11.82 18.70
C ALA B 108 11.04 -10.37 19.18
N SER B 109 12.15 -9.65 18.98
CA SER B 109 12.27 -8.20 19.18
C SER B 109 11.46 -7.64 20.35
N GLY B 110 10.43 -6.85 20.05
CA GLY B 110 9.68 -6.13 21.07
C GLY B 110 8.24 -5.86 20.70
N PRO B 111 7.80 -4.60 20.87
CA PRO B 111 6.36 -4.30 20.87
C PRO B 111 5.71 -4.35 19.50
N VAL B 112 4.45 -4.79 19.48
CA VAL B 112 3.65 -5.00 18.28
C VAL B 112 2.31 -4.31 18.50
N PRO B 113 1.78 -3.57 17.53
CA PRO B 113 0.48 -2.93 17.73
C PRO B 113 -0.61 -3.96 18.05
N GLN B 114 -1.52 -3.59 18.96
CA GLN B 114 -2.58 -4.53 19.36
C GLN B 114 -3.59 -4.68 18.25
N ARG B 115 -3.96 -3.58 17.60
CA ARG B 115 -4.92 -3.61 16.51
C ARG B 115 -4.26 -3.06 15.27
N ALA B 116 -4.31 -3.83 14.19
CA ALA B 116 -3.56 -3.48 13.00
C ALA B 116 -4.32 -3.94 11.76
N TYR B 117 -4.27 -3.15 10.72
CA TYR B 117 -4.75 -3.60 9.43
C TYR B 117 -3.57 -3.64 8.47
N SER B 118 -3.76 -4.28 7.32
CA SER B 118 -2.70 -4.32 6.32
C SER B 118 -3.29 -4.62 4.95
N PHE B 119 -2.75 -3.98 3.93
CA PHE B 119 -3.09 -4.23 2.54
C PHE B 119 -1.89 -4.86 1.86
N GLY B 120 -2.16 -5.81 0.96
CA GLY B 120 -1.10 -6.62 0.42
C GLY B 120 -1.57 -7.35 -0.82
N ASN B 121 -0.61 -7.81 -1.60
CA ASN B 121 -0.92 -8.54 -2.81
C ASN B 121 -0.84 -10.03 -2.53
N ILE B 122 -1.70 -10.79 -3.22
CA ILE B 122 -1.62 -12.26 -3.21
C ILE B 122 -1.59 -12.73 -4.66
N PHE B 123 -0.93 -13.87 -4.88
CA PHE B 123 -0.50 -14.27 -6.22
C PHE B 123 -0.91 -15.70 -6.53
N ARG B 124 -1.50 -15.89 -7.71
CA ARG B 124 -1.76 -17.22 -8.23
C ARG B 124 -0.87 -17.47 -9.43
N ASP B 125 -0.18 -18.61 -9.44
CA ASP B 125 0.75 -18.95 -10.50
C ASP B 125 0.02 -19.29 -11.80
N ARG B 126 0.71 -19.07 -12.90
CA ARG B 126 0.23 -19.45 -14.22
C ARG B 126 1.20 -20.44 -14.84
N GLN B 127 0.77 -21.02 -15.96
CA GLN B 127 1.56 -22.04 -16.64
C GLN B 127 2.14 -21.55 -17.96
N ASP B 128 1.65 -20.43 -18.48
CA ASP B 128 1.95 -19.98 -19.84
C ASP B 128 3.04 -18.92 -19.89
N GLY B 129 3.95 -18.88 -18.93
CA GLY B 129 5.01 -17.88 -18.99
C GLY B 129 4.55 -16.44 -18.83
N GLY B 130 3.25 -16.21 -18.60
CA GLY B 130 2.80 -14.92 -18.17
C GLY B 130 3.07 -14.70 -16.70
N GLN B 131 3.18 -13.43 -16.33
CA GLN B 131 3.33 -13.06 -14.93
C GLN B 131 2.16 -13.59 -14.12
N PRO B 132 2.34 -13.83 -12.83
CA PRO B 132 1.24 -14.40 -12.04
C PRO B 132 0.07 -13.43 -11.93
N ASP B 133 -1.13 -13.98 -11.78
CA ASP B 133 -2.29 -13.18 -11.41
C ASP B 133 -2.10 -12.63 -10.00
N VAL B 134 -2.46 -11.37 -9.83
CA VAL B 134 -2.41 -10.68 -8.54
C VAL B 134 -3.82 -10.30 -8.13
N TYR B 135 -4.12 -10.44 -6.83
CA TYR B 135 -5.33 -9.91 -6.23
C TYR B 135 -4.94 -9.08 -5.01
N GLY B 136 -5.74 -8.06 -4.70
CA GLY B 136 -5.53 -7.30 -3.48
C GLY B 136 -6.29 -7.83 -2.27
N GLU B 137 -5.60 -8.13 -1.18
CA GLU B 137 -6.20 -8.58 0.06
C GLU B 137 -6.05 -7.51 1.15
N VAL B 138 -7.05 -7.40 2.02
CA VAL B 138 -6.94 -6.61 3.25
C VAL B 138 -7.19 -7.55 4.44
N ASP B 139 -6.36 -7.41 5.46
CA ASP B 139 -6.50 -8.14 6.72
C ASP B 139 -6.70 -7.15 7.84
N PHE B 140 -7.38 -7.59 8.88
CA PHE B 140 -7.49 -6.87 10.15
C PHE B 140 -7.17 -7.89 11.24
N ASP B 141 -6.26 -7.52 12.13
CA ASP B 141 -5.73 -8.47 13.09
C ASP B 141 -5.61 -7.84 14.46
N ILE B 142 -5.92 -8.64 15.48
CA ILE B 142 -5.75 -8.26 16.87
C ILE B 142 -4.73 -9.23 17.47
N VAL B 143 -3.64 -8.68 17.99
CA VAL B 143 -2.47 -9.45 18.40
C VAL B 143 -2.12 -9.04 19.81
N THR B 144 -1.98 -10.01 20.71
CA THR B 144 -1.71 -9.71 22.11
C THR B 144 -0.65 -10.67 22.64
N THR B 145 0.04 -10.23 23.69
CA THR B 145 0.99 -11.10 24.36
C THR B 145 0.35 -11.95 25.45
N ASP B 146 -0.85 -11.60 25.90
CA ASP B 146 -1.57 -12.33 26.94
C ASP B 146 -2.78 -13.02 26.34
N ALA B 147 -3.21 -14.13 26.95
CA ALA B 147 -4.43 -14.79 26.51
C ALA B 147 -5.68 -14.27 27.21
N MET B 148 -5.66 -13.04 27.73
CA MET B 148 -6.82 -12.45 28.40
C MET B 148 -7.90 -12.03 27.42
N ASP B 149 -9.15 -12.34 27.78
CA ASP B 149 -10.33 -11.86 27.04
C ASP B 149 -10.27 -12.29 25.58
N LEU B 150 -10.02 -13.60 25.40
CA LEU B 150 -9.79 -14.17 24.09
C LEU B 150 -11.03 -14.05 23.21
N ALA B 151 -12.19 -14.37 23.78
CA ALA B 151 -13.43 -14.34 23.01
C ALA B 151 -13.83 -12.92 22.68
N MET B 152 -13.57 -11.98 23.59
CA MET B 152 -13.86 -10.58 23.31
C MET B 152 -13.09 -10.06 22.10
N LYS B 153 -11.77 -10.34 22.02
CA LYS B 153 -11.02 -9.90 20.85
C LYS B 153 -11.62 -10.51 19.58
N GLU B 154 -12.10 -11.75 19.66
CA GLU B 154 -12.63 -12.40 18.47
C GLU B 154 -13.93 -11.74 18.02
N ALA B 155 -14.76 -11.32 18.97
CA ALA B 155 -15.99 -10.63 18.63
C ALA B 155 -15.72 -9.25 18.01
N GLU B 156 -14.59 -8.62 18.36
CA GLU B 156 -14.29 -7.32 17.75
C GLU B 156 -13.97 -7.47 16.27
N VAL B 157 -13.21 -8.51 15.92
CA VAL B 157 -12.93 -8.79 14.51
C VAL B 157 -14.25 -8.99 13.77
N ILE B 158 -15.16 -9.75 14.37
CA ILE B 158 -16.48 -9.94 13.78
C ILE B 158 -17.20 -8.61 13.65
N LYS B 159 -17.18 -7.79 14.70
CA LYS B 159 -17.78 -6.47 14.63
C LYS B 159 -17.20 -5.65 13.48
N VAL B 160 -15.87 -5.68 13.30
CA VAL B 160 -15.26 -4.90 12.21
C VAL B 160 -15.87 -5.30 10.86
N LEU B 161 -16.02 -6.60 10.62
CA LEU B 161 -16.65 -7.05 9.38
C LEU B 161 -18.10 -6.57 9.28
N ASP B 162 -18.83 -6.53 10.41
CA ASP B 162 -20.18 -5.99 10.43
C ASP B 162 -20.20 -4.50 10.07
N GLU B 163 -19.27 -3.73 10.63
CA GLU B 163 -19.15 -2.33 10.22
C GLU B 163 -18.85 -2.18 8.73
N ILE B 164 -18.02 -3.07 8.17
CA ILE B 164 -17.75 -2.98 6.74
C ILE B 164 -19.00 -3.26 5.93
N ILE B 165 -19.79 -4.26 6.35
CA ILE B 165 -21.02 -4.59 5.65
C ILE B 165 -21.94 -3.38 5.60
N ALA B 166 -22.05 -2.66 6.72
CA ALA B 166 -22.97 -1.52 6.77
C ALA B 166 -22.52 -0.39 5.86
N ALA B 167 -21.21 -0.28 5.59
CA ALA B 167 -20.66 0.92 4.94
C ALA B 167 -20.72 0.90 3.43
N PHE B 168 -20.98 -0.25 2.82
CA PHE B 168 -20.84 -0.37 1.38
C PHE B 168 -22.16 -0.78 0.74
N PRO B 169 -22.59 -0.09 -0.32
CA PRO B 169 -23.86 -0.45 -0.99
C PRO B 169 -23.91 -1.89 -1.45
N THR B 170 -22.79 -2.42 -1.93
CA THR B 170 -22.62 -3.84 -2.26
C THR B 170 -23.26 -4.75 -1.21
N THR B 171 -23.16 -4.38 0.06
CA THR B 171 -23.51 -5.28 1.14
C THR B 171 -24.57 -4.74 2.09
N SER B 172 -24.79 -3.42 2.14
CA SER B 172 -25.63 -2.83 3.20
C SER B 172 -27.09 -3.22 3.05
N SER B 173 -27.55 -3.50 1.84
CA SER B 173 -28.93 -3.89 1.61
C SER B 173 -29.11 -5.40 1.54
N THR B 174 -28.16 -6.11 0.94
CA THR B 174 -28.25 -7.53 0.68
C THR B 174 -28.16 -8.33 1.99
N PRO B 175 -28.72 -9.55 2.03
CA PRO B 175 -28.67 -10.33 3.26
C PRO B 175 -27.30 -11.00 3.45
N MET B 176 -26.72 -10.82 4.64
CA MET B 176 -25.45 -11.41 4.99
C MET B 176 -25.60 -12.23 6.25
N CYS B 177 -24.66 -13.15 6.48
CA CYS B 177 -24.65 -13.87 7.74
C CYS B 177 -23.23 -14.27 8.10
N PHE B 178 -22.99 -14.42 9.39
CA PHE B 178 -21.77 -14.99 9.91
C PHE B 178 -22.00 -16.46 10.19
N GLN B 179 -20.99 -17.29 9.93
CA GLN B 179 -21.01 -18.69 10.34
C GLN B 179 -19.77 -18.95 11.17
N LEU B 180 -19.96 -19.24 12.46
CA LEU B 180 -18.87 -19.56 13.37
C LEU B 180 -18.71 -21.08 13.53
N GLY B 181 -17.48 -21.50 13.69
CA GLY B 181 -17.17 -22.86 14.05
C GLY B 181 -15.99 -22.83 15.00
N HIS B 182 -15.34 -23.96 15.22
CA HIS B 182 -14.12 -23.99 16.03
C HIS B 182 -13.32 -25.22 15.62
N SER B 183 -12.00 -25.07 15.58
CA SER B 183 -11.14 -26.17 15.16
C SER B 183 -11.27 -27.36 16.10
N ASP B 184 -11.40 -27.11 17.40
CA ASP B 184 -11.55 -28.23 18.35
C ASP B 184 -12.87 -28.96 18.11
N LEU B 185 -13.94 -28.20 17.85
CA LEU B 185 -15.21 -28.83 17.50
C LEU B 185 -15.05 -29.70 16.26
N LEU B 186 -14.38 -29.18 15.23
CA LEU B 186 -14.23 -29.96 14.01
C LEU B 186 -13.43 -31.24 14.25
N GLN B 187 -12.35 -31.15 15.04
CA GLN B 187 -11.54 -32.34 15.29
C GLN B 187 -12.30 -33.35 16.14
N LEU B 188 -13.10 -32.87 17.10
CA LEU B 188 -13.93 -33.75 17.92
C LEU B 188 -15.01 -34.43 17.08
N ILE B 189 -15.52 -33.73 16.07
CA ILE B 189 -16.45 -34.35 15.16
C ILE B 189 -15.75 -35.41 14.31
N PHE B 190 -14.50 -35.14 13.93
CA PHE B 190 -13.72 -36.12 13.19
C PHE B 190 -13.47 -37.38 14.04
N ASP B 191 -13.21 -37.21 15.34
CA ASP B 191 -13.05 -38.37 16.22
C ASP B 191 -14.34 -39.20 16.26
N PHE B 192 -15.43 -38.55 16.69
CA PHE B 192 -16.75 -39.17 16.77
C PHE B 192 -17.14 -39.87 15.47
N CYS B 193 -16.85 -39.26 14.30
CA CYS B 193 -17.14 -39.88 13.02
C CYS B 193 -16.04 -40.84 12.55
N ASN B 194 -15.00 -41.05 13.36
CA ASN B 194 -13.93 -42.01 13.07
C ASN B 194 -13.24 -41.73 11.73
N VAL B 195 -12.96 -40.46 11.45
CA VAL B 195 -12.15 -40.09 10.29
C VAL B 195 -10.69 -40.24 10.68
N GLU B 196 -9.95 -41.05 9.91
CA GLU B 196 -8.54 -41.27 10.18
C GLU B 196 -7.76 -39.95 10.14
N HIS B 197 -6.87 -39.78 11.12
CA HIS B 197 -6.10 -38.55 11.22
C HIS B 197 -5.44 -38.18 9.90
N GLY B 198 -4.95 -39.17 9.15
CA GLY B 198 -4.26 -38.91 7.89
C GLY B 198 -5.13 -38.30 6.81
N ALA B 199 -6.46 -38.33 6.96
CA ALA B 199 -7.38 -37.80 5.96
C ALA B 199 -8.05 -36.49 6.40
N ARG B 200 -7.80 -36.05 7.62
CA ARG B 200 -8.55 -34.91 8.16
C ARG B 200 -8.21 -33.61 7.42
N GLN B 201 -6.95 -33.43 7.00
CA GLN B 201 -6.61 -32.23 6.26
C GLN B 201 -7.38 -32.17 4.94
N ALA B 202 -7.45 -33.30 4.23
CA ALA B 202 -8.20 -33.29 2.97
C ALA B 202 -9.70 -33.13 3.22
N ALA B 203 -10.21 -33.67 4.34
CA ALA B 203 -11.63 -33.56 4.63
C ALA B 203 -12.03 -32.10 4.83
N ALA B 204 -11.27 -31.37 5.64
CA ALA B 204 -11.61 -29.97 5.90
C ALA B 204 -11.49 -29.11 4.65
N GLU B 205 -10.55 -29.44 3.74
CA GLU B 205 -10.48 -28.68 2.50
C GLU B 205 -11.74 -28.87 1.66
N VAL B 206 -12.26 -30.09 1.59
CA VAL B 206 -13.52 -30.32 0.89
C VAL B 206 -14.67 -29.65 1.61
N LEU B 207 -14.72 -29.80 2.94
CA LEU B 207 -15.82 -29.24 3.73
C LEU B 207 -15.86 -27.72 3.69
N SER B 208 -14.72 -27.08 3.41
CA SER B 208 -14.71 -25.63 3.30
C SER B 208 -15.47 -25.12 2.09
N LYS B 209 -15.90 -26.00 1.18
CA LYS B 209 -16.74 -25.60 0.05
C LYS B 209 -18.24 -25.81 0.28
N LEU B 210 -18.62 -26.45 1.40
CA LEU B 210 -20.00 -26.93 1.61
C LEU B 210 -21.03 -25.80 1.56
N ASN B 211 -21.95 -25.90 0.60
CA ASN B 211 -23.06 -24.97 0.38
C ASN B 211 -22.58 -23.64 -0.14
N ILE B 212 -21.35 -23.59 -0.65
CA ILE B 212 -20.82 -22.42 -1.33
C ILE B 212 -20.89 -22.69 -2.83
N ARG B 213 -21.47 -21.75 -3.57
CA ARG B 213 -21.51 -21.78 -5.02
C ARG B 213 -21.93 -23.16 -5.53
N ASN B 214 -23.03 -23.65 -4.96
CA ASN B 214 -23.76 -24.86 -5.36
C ASN B 214 -23.05 -26.16 -5.00
N PHE B 215 -22.01 -26.13 -4.17
CA PHE B 215 -21.34 -27.37 -3.79
C PHE B 215 -22.11 -28.02 -2.64
N THR B 216 -23.19 -28.71 -3.00
CA THR B 216 -24.09 -29.32 -2.03
C THR B 216 -23.41 -30.51 -1.35
N TRP B 217 -24.14 -31.16 -0.44
CA TRP B 217 -23.55 -32.26 0.33
C TRP B 217 -23.22 -33.45 -0.56
N GLN B 218 -24.04 -33.74 -1.56
CA GLN B 218 -23.77 -34.91 -2.39
C GLN B 218 -22.45 -34.74 -3.15
N LYS B 219 -22.14 -33.51 -3.58
CA LYS B 219 -20.82 -33.24 -4.15
C LYS B 219 -19.73 -33.40 -3.09
N VAL B 220 -20.00 -32.95 -1.86
CA VAL B 220 -19.04 -33.18 -0.76
C VAL B 220 -18.83 -34.67 -0.54
N ARG B 221 -19.92 -35.45 -0.51
CA ARG B 221 -19.79 -36.89 -0.31
C ARG B 221 -18.97 -37.53 -1.43
N SER B 222 -19.21 -37.12 -2.67
CA SER B 222 -18.42 -37.64 -3.80
C SER B 222 -16.94 -37.51 -3.51
N GLU B 223 -16.50 -36.30 -3.15
CA GLU B 223 -15.07 -36.03 -3.06
C GLU B 223 -14.44 -36.70 -1.85
N LEU B 224 -15.21 -36.93 -0.78
CA LEU B 224 -14.65 -37.61 0.38
C LEU B 224 -14.59 -39.12 0.17
N ARG B 225 -15.52 -39.69 -0.58
CA ARG B 225 -15.50 -41.12 -0.88
C ARG B 225 -14.41 -41.47 -1.90
N SER B 226 -14.08 -40.52 -2.79
CA SER B 226 -13.08 -40.78 -3.82
C SER B 226 -11.77 -41.22 -3.18
N PRO B 227 -11.00 -42.11 -3.83
CA PRO B 227 -9.82 -42.70 -3.16
C PRO B 227 -8.71 -41.70 -2.91
N LEU B 228 -8.70 -40.57 -3.63
CA LEU B 228 -7.79 -39.47 -3.28
C LEU B 228 -7.90 -39.13 -1.80
N VAL B 229 -9.13 -39.09 -1.27
CA VAL B 229 -9.39 -38.79 0.13
C VAL B 229 -9.57 -40.06 0.95
N GLY B 230 -10.53 -40.91 0.57
CA GLY B 230 -10.61 -42.25 1.11
C GLY B 230 -11.33 -42.40 2.44
N ILE B 231 -12.31 -41.55 2.72
CA ILE B 231 -13.10 -41.69 3.92
C ILE B 231 -14.19 -42.73 3.68
N SER B 232 -14.38 -43.61 4.66
CA SER B 232 -15.37 -44.66 4.52
C SER B 232 -16.79 -44.10 4.41
N ALA B 233 -17.65 -44.84 3.70
CA ALA B 233 -19.05 -44.44 3.55
C ALA B 233 -19.78 -44.38 4.89
N THR B 234 -19.34 -45.15 5.89
CA THR B 234 -19.97 -45.05 7.20
C THR B 234 -19.61 -43.74 7.88
N SER B 235 -18.37 -43.29 7.72
CA SER B 235 -17.95 -42.02 8.30
C SER B 235 -18.61 -40.83 7.62
N VAL B 236 -18.77 -40.90 6.29
CA VAL B 236 -19.36 -39.78 5.57
C VAL B 236 -20.81 -39.58 5.97
N ASP B 237 -21.53 -40.67 6.23
CA ASP B 237 -22.91 -40.51 6.65
C ASP B 237 -23.01 -39.98 8.09
N GLU B 238 -22.06 -40.34 8.95
CA GLU B 238 -22.05 -39.76 10.30
C GLU B 238 -21.66 -38.29 10.27
N LEU B 239 -20.74 -37.90 9.37
CA LEU B 239 -20.44 -36.49 9.15
C LEU B 239 -21.67 -35.73 8.67
N GLN B 240 -22.54 -36.37 7.87
CA GLN B 240 -23.73 -35.69 7.38
C GLN B 240 -24.63 -35.26 8.53
N ARG B 241 -24.56 -35.96 9.67
CA ARG B 241 -25.32 -35.54 10.84
C ARG B 241 -24.91 -34.17 11.34
N PHE B 242 -23.84 -33.59 10.80
CA PHE B 242 -23.40 -32.26 11.19
C PHE B 242 -23.58 -31.24 10.08
N ASP B 243 -24.18 -31.61 8.95
CA ASP B 243 -24.42 -30.68 7.84
C ASP B 243 -25.67 -29.83 8.14
N TRP B 244 -25.49 -28.85 9.03
CA TRP B 244 -26.57 -27.93 9.35
C TRP B 244 -25.99 -26.67 9.96
N ARG B 245 -26.83 -25.64 10.04
CA ARG B 245 -26.51 -24.41 10.75
C ARG B 245 -27.76 -23.99 11.51
N ASP B 246 -27.59 -23.50 12.74
CA ASP B 246 -28.70 -22.95 13.50
C ASP B 246 -28.18 -21.76 14.30
N THR B 247 -29.11 -20.97 14.84
CA THR B 247 -28.73 -19.90 15.74
C THR B 247 -28.09 -20.49 17.00
N PRO B 248 -27.31 -19.69 17.74
CA PRO B 248 -26.42 -20.29 18.76
C PRO B 248 -27.09 -21.15 19.83
N THR B 249 -28.14 -20.67 20.50
CA THR B 249 -28.68 -21.47 21.61
C THR B 249 -29.21 -22.81 21.10
N LYS B 250 -30.03 -22.78 20.05
CA LYS B 250 -30.47 -24.01 19.42
C LYS B 250 -29.28 -24.88 18.98
N ALA B 251 -28.24 -24.28 18.39
CA ALA B 251 -27.16 -25.08 17.82
C ALA B 251 -26.30 -25.71 18.91
N PHE B 252 -26.08 -25.01 20.02
CA PHE B 252 -25.40 -25.64 21.15
C PHE B 252 -26.17 -26.86 21.62
N THR B 253 -27.51 -26.78 21.59
CA THR B 253 -28.33 -27.89 22.05
C THR B 253 -28.23 -29.08 21.10
N LYS B 254 -28.35 -28.84 19.78
CA LYS B 254 -28.18 -29.95 18.83
C LYS B 254 -26.85 -30.65 19.02
N ILE B 255 -25.80 -29.88 19.31
CA ILE B 255 -24.48 -30.50 19.40
C ILE B 255 -24.35 -31.36 20.65
N ARG B 256 -24.94 -30.93 21.77
CA ARG B 256 -24.93 -31.77 22.96
C ARG B 256 -25.76 -33.03 22.77
N ASN B 257 -26.92 -32.93 22.11
CA ASN B 257 -27.73 -34.11 21.80
C ASN B 257 -26.95 -35.11 20.96
N LEU B 258 -26.18 -34.62 20.00
CA LEU B 258 -25.42 -35.51 19.13
C LEU B 258 -24.31 -36.23 19.89
N PHE B 259 -23.65 -35.54 20.81
CA PHE B 259 -22.56 -36.14 21.57
C PHE B 259 -23.04 -36.81 22.85
N GLU B 260 -24.37 -36.88 23.07
CA GLU B 260 -24.89 -37.36 24.35
C GLU B 260 -24.47 -38.80 24.62
N GLY B 261 -23.90 -39.03 25.80
CA GLY B 261 -23.51 -40.36 26.18
C GLY B 261 -22.26 -40.87 25.54
N THR B 262 -21.44 -40.00 24.97
CA THR B 262 -20.14 -40.39 24.48
C THR B 262 -19.07 -39.59 25.22
N GLU B 263 -17.82 -40.03 25.06
CA GLU B 263 -16.72 -39.29 25.66
C GLU B 263 -16.71 -37.85 25.18
N TYR B 264 -17.25 -37.59 23.98
CA TYR B 264 -17.16 -36.27 23.37
C TYR B 264 -18.13 -35.25 23.98
N TYR B 265 -19.17 -35.71 24.67
CA TYR B 265 -20.07 -34.78 25.34
C TYR B 265 -19.29 -33.80 26.22
N ASP B 266 -18.36 -34.31 27.02
CA ASP B 266 -17.65 -33.44 27.93
C ASP B 266 -16.55 -32.65 27.24
N LYS B 267 -15.92 -33.21 26.21
CA LYS B 267 -14.81 -32.54 25.54
C LYS B 267 -15.29 -31.31 24.76
N VAL B 268 -16.45 -31.41 24.10
CA VAL B 268 -17.00 -30.30 23.34
C VAL B 268 -17.52 -29.20 24.25
N SER B 269 -17.72 -29.51 25.54
CA SER B 269 -18.43 -28.59 26.43
C SER B 269 -17.71 -27.26 26.55
N SER B 270 -16.42 -27.28 26.90
CA SER B 270 -15.66 -26.05 27.04
C SER B 270 -15.61 -25.26 25.72
N THR B 271 -15.52 -25.98 24.60
CA THR B 271 -15.48 -25.31 23.30
C THR B 271 -16.79 -24.61 23.00
N LEU B 272 -17.92 -25.24 23.35
CA LEU B 272 -19.21 -24.61 23.16
C LEU B 272 -19.37 -23.39 24.06
N ALA B 273 -18.79 -23.42 25.25
CA ALA B 273 -18.84 -22.26 26.10
C ALA B 273 -18.04 -21.11 25.49
N HIS B 274 -16.90 -21.41 24.87
CA HIS B 274 -16.13 -20.35 24.24
C HIS B 274 -16.93 -19.68 23.12
N LEU B 275 -17.56 -20.48 22.25
CA LEU B 275 -18.33 -19.89 21.18
C LEU B 275 -19.51 -19.09 21.72
N LYS B 276 -20.13 -19.56 22.81
CA LYS B 276 -21.21 -18.80 23.45
C LYS B 276 -20.77 -17.41 23.88
N GLU B 277 -19.58 -17.31 24.48
CA GLU B 277 -19.07 -16.00 24.91
C GLU B 277 -18.85 -15.07 23.72
N VAL B 278 -18.32 -15.60 22.60
CA VAL B 278 -18.15 -14.79 21.41
C VAL B 278 -19.50 -14.28 20.89
N TYR B 279 -20.53 -15.13 20.89
CA TYR B 279 -21.86 -14.68 20.48
C TYR B 279 -22.36 -13.56 21.35
N GLU B 280 -22.12 -13.64 22.66
CA GLU B 280 -22.68 -12.65 23.55
C GLU B 280 -21.93 -11.32 23.47
N TYR B 281 -20.61 -11.36 23.24
CA TYR B 281 -19.92 -10.11 23.02
C TYR B 281 -20.34 -9.48 21.70
N SER B 282 -20.69 -10.31 20.71
CA SER B 282 -21.27 -9.78 19.48
C SER B 282 -22.49 -8.92 19.75
N LYS B 283 -23.41 -9.42 20.59
CA LYS B 283 -24.61 -8.65 20.93
C LYS B 283 -24.24 -7.34 21.60
N LYS B 284 -23.31 -7.40 22.55
CA LYS B 284 -22.86 -6.18 23.20
C LYS B 284 -22.22 -5.21 22.21
N PHE B 285 -21.49 -5.71 21.21
CA PHE B 285 -20.94 -4.84 20.18
C PHE B 285 -21.99 -4.34 19.19
N LYS B 286 -23.24 -4.80 19.31
CA LYS B 286 -24.33 -4.42 18.40
C LYS B 286 -24.03 -4.86 16.98
N VAL B 287 -23.73 -6.15 16.81
CA VAL B 287 -23.55 -6.72 15.48
C VAL B 287 -24.93 -7.03 14.91
N ASN B 288 -25.24 -6.42 13.77
CA ASN B 288 -26.57 -6.54 13.19
C ASN B 288 -26.71 -7.77 12.31
N THR B 289 -25.66 -8.15 11.59
CA THR B 289 -25.70 -9.33 10.76
C THR B 289 -25.96 -10.57 11.63
N LYS B 290 -26.87 -11.43 11.18
CA LYS B 290 -27.24 -12.59 11.98
C LYS B 290 -26.09 -13.59 12.04
N ILE B 291 -25.97 -14.26 13.18
CA ILE B 291 -24.88 -15.21 13.43
C ILE B 291 -25.45 -16.62 13.54
N TYR B 292 -24.93 -17.54 12.73
CA TYR B 292 -25.19 -18.96 12.88
C TYR B 292 -23.94 -19.66 13.39
N ILE B 293 -24.16 -20.76 14.12
CA ILE B 293 -23.12 -21.74 14.39
C ILE B 293 -23.20 -22.83 13.32
N ALA B 294 -22.13 -22.98 12.53
CA ALA B 294 -22.05 -24.08 11.57
C ALA B 294 -20.95 -25.05 12.00
N PRO B 295 -21.29 -26.21 12.55
CA PRO B 295 -20.25 -27.04 13.19
C PRO B 295 -19.21 -27.61 12.22
N LEU B 296 -19.45 -27.59 10.91
CA LEU B 296 -18.44 -28.07 9.98
C LEU B 296 -17.65 -26.95 9.30
N SER B 297 -17.63 -25.75 9.90
CA SER B 297 -16.76 -24.68 9.41
C SER B 297 -15.32 -25.17 9.36
N SER B 298 -14.66 -24.97 8.22
CA SER B 298 -13.32 -25.53 8.04
C SER B 298 -12.41 -24.70 7.14
N ILE B 299 -12.77 -23.46 6.80
CA ILE B 299 -11.95 -22.65 5.90
C ILE B 299 -10.59 -22.43 6.54
N ASN B 300 -9.53 -22.90 5.85
CA ASN B 300 -8.15 -22.75 6.28
C ASN B 300 -7.94 -23.27 7.70
N GLU B 301 -8.68 -24.33 8.07
CA GLU B 301 -8.62 -24.82 9.44
C GLU B 301 -7.20 -25.18 9.85
N ALA B 302 -6.35 -25.57 8.89
CA ALA B 302 -4.96 -25.86 9.22
C ALA B 302 -4.30 -24.66 9.89
N PHE B 303 -4.69 -23.43 9.52
CA PHE B 303 -4.14 -22.24 10.15
C PHE B 303 -4.70 -21.98 11.54
N PHE B 304 -5.87 -22.54 11.87
CA PHE B 304 -6.57 -22.13 13.08
C PHE B 304 -6.76 -23.28 14.09
N ARG B 305 -5.82 -24.22 14.11
CA ARG B 305 -5.88 -25.31 15.08
C ARG B 305 -5.96 -24.76 16.49
N GLY B 306 -6.88 -25.32 17.28
CA GLY B 306 -7.12 -24.88 18.62
C GLY B 306 -7.92 -23.60 18.78
N GLY B 307 -8.46 -23.05 17.69
CA GLY B 307 -9.12 -21.76 17.77
C GLY B 307 -10.38 -21.68 16.92
N ILE B 308 -11.06 -20.54 17.11
CA ILE B 308 -12.28 -20.26 16.38
C ILE B 308 -11.99 -20.16 14.88
N LEU B 309 -13.01 -20.47 14.08
CA LEU B 309 -13.05 -20.16 12.65
C LEU B 309 -14.37 -19.48 12.37
N PHE B 310 -14.42 -18.66 11.33
CA PHE B 310 -15.67 -18.01 10.98
C PHE B 310 -15.58 -17.50 9.55
N SER B 311 -16.73 -17.50 8.88
CA SER B 311 -16.83 -16.96 7.55
C SER B 311 -17.98 -15.97 7.53
N CYS B 312 -17.91 -15.04 6.60
CA CYS B 312 -18.94 -14.04 6.39
C CYS B 312 -19.47 -14.28 4.98
N LEU B 313 -20.77 -14.52 4.85
CA LEU B 313 -21.31 -14.99 3.59
C LEU B 313 -22.44 -14.10 3.08
N TYR B 314 -22.52 -14.02 1.76
CA TYR B 314 -23.73 -13.57 1.09
C TYR B 314 -24.81 -14.60 1.34
N ASP B 315 -25.77 -14.27 2.20
CA ASP B 315 -26.82 -15.19 2.61
C ASP B 315 -27.98 -15.18 1.64
N ARG B 316 -27.66 -15.34 0.36
CA ARG B 316 -28.65 -15.47 -0.71
C ARG B 316 -28.95 -16.96 -0.88
N LYS B 317 -29.72 -17.31 -1.91
CA LYS B 317 -30.11 -18.70 -2.12
C LYS B 317 -28.89 -19.60 -2.29
N VAL B 318 -28.07 -19.32 -3.30
CA VAL B 318 -26.74 -19.92 -3.38
C VAL B 318 -25.76 -18.96 -2.72
N MET B 319 -24.91 -19.49 -1.86
CA MET B 319 -24.06 -18.66 -1.01
C MET B 319 -22.66 -18.49 -1.61
N ASP B 320 -22.05 -17.34 -1.32
CA ASP B 320 -20.65 -17.09 -1.60
C ASP B 320 -19.95 -16.47 -0.39
N VAL B 321 -18.62 -16.55 -0.39
CA VAL B 321 -17.80 -16.07 0.72
C VAL B 321 -17.45 -14.60 0.52
N PHE B 322 -17.76 -13.77 1.52
CA PHE B 322 -17.31 -12.38 1.53
C PHE B 322 -15.94 -12.26 2.22
N ALA B 323 -15.80 -12.82 3.41
CA ALA B 323 -14.54 -12.80 4.13
C ALA B 323 -14.51 -14.00 5.07
N ALA B 324 -13.32 -14.28 5.59
CA ALA B 324 -13.10 -15.45 6.42
C ALA B 324 -11.93 -15.14 7.34
N GLY B 325 -11.80 -15.93 8.39
CA GLY B 325 -10.73 -15.75 9.34
C GLY B 325 -10.86 -16.70 10.51
N GLY B 326 -10.08 -16.41 11.55
CA GLY B 326 -9.97 -17.30 12.69
C GLY B 326 -8.82 -16.86 13.58
N ARG B 327 -8.60 -17.66 14.60
CA ARG B 327 -7.55 -17.41 15.59
C ARG B 327 -6.39 -18.34 15.27
N TYR B 328 -5.21 -17.76 15.01
CA TYR B 328 -4.09 -18.51 14.45
C TYR B 328 -2.87 -18.54 15.37
N ASP B 329 -3.09 -18.50 16.68
CA ASP B 329 -2.02 -18.78 17.65
C ASP B 329 -1.16 -19.96 17.20
N SER B 330 -1.80 -21.01 16.68
CA SER B 330 -1.07 -22.23 16.41
C SER B 330 -0.20 -22.12 15.16
N LEU B 331 -0.61 -21.30 14.19
CA LEU B 331 0.26 -21.05 13.06
C LEU B 331 1.48 -20.24 13.48
N ILE B 332 1.31 -19.34 14.45
CA ILE B 332 2.45 -18.67 15.05
C ILE B 332 3.34 -19.69 15.74
N LYS B 333 2.74 -20.56 16.57
CA LYS B 333 3.52 -21.58 17.26
C LYS B 333 4.27 -22.49 16.27
N ALA B 334 3.62 -22.85 15.15
CA ALA B 334 4.25 -23.73 14.18
C ALA B 334 5.47 -23.12 13.50
N HIS B 335 5.65 -21.80 13.60
CA HIS B 335 6.83 -21.15 13.02
C HIS B 335 7.93 -20.91 14.03
N ARG B 336 7.69 -21.17 15.32
CA ARG B 336 8.71 -20.95 16.34
C ARG B 336 9.91 -21.85 16.06
N PRO B 337 11.13 -21.30 16.00
CA PRO B 337 12.29 -22.11 15.61
C PRO B 337 12.55 -23.21 16.63
N ARG B 338 12.72 -24.44 16.13
CA ARG B 338 12.93 -25.60 16.99
C ARG B 338 13.53 -26.75 16.20
N GLU B 345 3.22 -16.31 24.35
CA GLU B 345 4.03 -15.26 23.72
C GLU B 345 3.21 -14.40 22.77
N ARG B 346 2.56 -15.00 21.77
CA ARG B 346 1.76 -14.21 20.83
C ARG B 346 0.46 -14.95 20.55
N HIS B 347 -0.67 -14.23 20.67
CA HIS B 347 -1.97 -14.72 20.25
C HIS B 347 -2.53 -13.73 19.24
N ALA B 348 -3.11 -14.23 18.16
CA ALA B 348 -3.65 -13.38 17.11
C ALA B 348 -4.94 -13.97 16.55
N VAL B 349 -5.89 -13.09 16.23
CA VAL B 349 -7.14 -13.45 15.56
C VAL B 349 -7.41 -12.39 14.50
N GLY B 350 -7.89 -12.81 13.34
CA GLY B 350 -8.19 -11.82 12.31
C GLY B 350 -8.98 -12.38 11.16
N PHE B 351 -9.30 -11.51 10.20
CA PHE B 351 -9.95 -11.92 8.97
C PHE B 351 -9.13 -11.46 7.76
N SER B 352 -9.57 -11.89 6.59
CA SER B 352 -8.96 -11.47 5.35
C SER B 352 -10.07 -11.29 4.32
N LEU B 353 -9.89 -10.34 3.42
CA LEU B 353 -10.97 -9.91 2.52
C LEU B 353 -10.39 -9.45 1.19
N ASN B 354 -10.87 -10.07 0.11
CA ASN B 354 -10.50 -9.70 -1.26
C ASN B 354 -11.30 -8.46 -1.65
N TRP B 355 -10.81 -7.30 -1.21
CA TRP B 355 -11.63 -6.09 -1.19
C TRP B 355 -11.90 -5.52 -2.58
N GLU B 356 -11.01 -5.76 -3.55
CA GLU B 356 -11.25 -5.20 -4.89
C GLU B 356 -12.39 -5.95 -5.58
N LYS B 357 -12.36 -7.28 -5.50
CA LYS B 357 -13.42 -8.09 -6.13
C LYS B 357 -14.75 -7.91 -5.42
N GLN B 358 -14.75 -7.80 -4.09
CA GLN B 358 -16.01 -7.75 -3.35
C GLN B 358 -16.63 -6.36 -3.33
N LEU B 359 -15.81 -5.31 -3.17
CA LEU B 359 -16.35 -3.99 -2.92
C LEU B 359 -16.09 -2.96 -4.01
N ALA B 360 -15.03 -3.12 -4.80
CA ALA B 360 -14.62 -2.08 -5.75
C ALA B 360 -15.18 -2.29 -7.15
N LYS B 361 -15.22 -3.53 -7.62
CA LYS B 361 -15.91 -3.82 -8.87
C LYS B 361 -17.38 -3.47 -8.74
N PRO B 362 -17.89 -2.49 -9.52
CA PRO B 362 -19.28 -1.96 -9.48
C PRO B 362 -20.38 -3.04 -9.48
N GLN B 381 -26.41 10.17 -3.83
CA GLN B 381 -25.00 10.26 -3.46
C GLN B 381 -24.32 8.89 -3.39
N GLY B 382 -24.00 8.47 -2.18
CA GLY B 382 -23.17 7.31 -1.97
C GLY B 382 -21.69 7.68 -1.97
N ILE B 383 -20.89 6.81 -1.35
CA ILE B 383 -19.45 7.05 -1.28
C ILE B 383 -18.87 7.22 -2.69
N PHE B 384 -19.42 6.51 -3.69
CA PHE B 384 -18.92 6.54 -5.06
C PHE B 384 -19.39 7.74 -5.86
N SER B 385 -19.86 8.79 -5.18
CA SER B 385 -20.19 10.03 -5.86
C SER B 385 -19.03 11.03 -5.83
N ALA B 386 -18.12 10.88 -4.88
CA ALA B 386 -16.99 11.79 -4.78
C ALA B 386 -16.23 11.84 -6.10
N LYS B 387 -15.76 13.02 -6.43
CA LYS B 387 -15.14 13.26 -7.72
C LYS B 387 -13.63 13.06 -7.62
N ARG B 388 -13.04 12.48 -8.68
CA ARG B 388 -11.58 12.48 -8.78
C ARG B 388 -11.05 13.91 -8.76
N CYS B 389 -11.72 14.82 -9.48
CA CYS B 389 -11.33 16.23 -9.57
C CYS B 389 -12.59 17.09 -9.54
N ASP B 390 -12.62 18.07 -8.64
CA ASP B 390 -13.81 18.92 -8.49
C ASP B 390 -13.92 19.96 -9.60
N VAL B 391 -12.84 20.69 -9.88
CA VAL B 391 -12.85 21.82 -10.80
C VAL B 391 -11.95 21.54 -12.01
N LEU B 392 -12.52 21.70 -13.21
CA LEU B 392 -11.74 21.83 -14.43
C LEU B 392 -11.51 23.32 -14.73
N VAL B 393 -10.26 23.74 -14.85
CA VAL B 393 -9.92 25.11 -15.21
C VAL B 393 -9.59 25.12 -16.70
N ALA B 394 -10.29 25.96 -17.45
CA ALA B 394 -10.25 25.97 -18.90
C ALA B 394 -10.25 27.41 -19.39
N SER B 395 -10.06 27.57 -20.70
CA SER B 395 -10.07 28.89 -21.35
C SER B 395 -9.92 28.71 -22.84
N PHE B 396 -10.65 29.49 -23.63
CA PHE B 396 -10.59 29.34 -25.08
C PHE B 396 -9.48 30.17 -25.70
N ASP B 397 -8.75 30.92 -24.89
CA ASP B 397 -7.55 31.57 -25.38
C ASP B 397 -6.34 30.77 -24.92
N PRO B 398 -5.56 30.17 -25.84
CA PRO B 398 -4.40 29.38 -25.41
C PRO B 398 -3.51 30.12 -24.42
N SER B 399 -3.29 31.41 -24.64
CA SER B 399 -2.35 32.14 -23.81
C SER B 399 -2.93 32.46 -22.43
N ILE B 400 -4.26 32.57 -22.31
CA ILE B 400 -4.85 32.80 -20.99
C ILE B 400 -4.81 31.51 -20.17
N LEU B 401 -5.17 30.39 -20.80
CA LEU B 401 -5.04 29.07 -20.19
C LEU B 401 -3.71 28.88 -19.48
N ARG B 402 -2.62 29.31 -20.13
CA ARG B 402 -1.26 29.03 -19.66
C ARG B 402 -0.70 30.13 -18.79
N SER B 403 -1.50 31.15 -18.48
CA SER B 403 -1.06 32.18 -17.55
C SER B 403 -1.99 32.23 -16.33
N SER B 404 -3.12 32.94 -16.45
CA SER B 404 -4.05 33.04 -15.34
C SER B 404 -4.69 31.70 -15.00
N GLY B 405 -4.86 30.82 -15.99
CA GLY B 405 -5.23 29.45 -15.73
C GLY B 405 -4.36 28.81 -14.67
N ILE B 406 -3.05 28.83 -14.87
CA ILE B 406 -2.13 28.27 -13.89
C ILE B 406 -2.24 29.01 -12.55
N GLU B 407 -2.49 30.32 -12.61
CA GLU B 407 -2.54 31.11 -11.38
C GLU B 407 -3.78 30.74 -10.56
N LEU B 408 -4.92 30.59 -11.22
CA LEU B 408 -6.11 30.16 -10.51
C LEU B 408 -5.92 28.77 -9.93
N LEU B 409 -5.25 27.90 -10.68
CA LEU B 409 -5.02 26.52 -10.27
C LEU B 409 -4.32 26.45 -8.91
N GLN B 410 -3.20 27.15 -8.75
CA GLN B 410 -2.47 27.04 -7.50
C GLN B 410 -3.23 27.71 -6.37
N MET B 411 -4.06 28.70 -6.70
CA MET B 411 -4.95 29.28 -5.70
C MET B 411 -5.86 28.22 -5.11
N LEU B 412 -6.54 27.48 -5.97
CA LEU B 412 -7.42 26.42 -5.52
C LEU B 412 -6.68 25.39 -4.67
N TRP B 413 -5.57 24.85 -5.19
CA TRP B 413 -4.79 23.86 -4.47
C TRP B 413 -4.39 24.35 -3.09
N ALA B 414 -4.12 25.65 -2.96
CA ALA B 414 -3.74 26.21 -1.67
C ALA B 414 -4.92 26.36 -0.70
N HIS B 415 -6.15 26.14 -1.17
CA HIS B 415 -7.33 26.11 -0.32
C HIS B 415 -7.98 24.73 -0.35
N GLY B 416 -7.17 23.69 -0.58
CA GLY B 416 -7.60 22.32 -0.44
C GLY B 416 -8.53 21.79 -1.51
N ILE B 417 -8.66 22.47 -2.63
CA ILE B 417 -9.67 22.12 -3.63
C ILE B 417 -8.99 21.38 -4.78
N SER B 418 -9.58 20.26 -5.19
CA SER B 418 -9.04 19.50 -6.29
C SER B 418 -9.38 20.17 -7.61
N ALA B 419 -8.39 20.29 -8.49
CA ALA B 419 -8.52 21.06 -9.72
C ALA B 419 -7.42 20.66 -10.71
N GLU B 420 -7.74 20.67 -12.00
CA GLU B 420 -6.73 20.38 -13.01
C GLU B 420 -6.98 21.28 -14.21
N LEU B 421 -5.94 21.48 -15.03
CA LEU B 421 -6.02 22.35 -16.19
C LEU B 421 -6.55 21.59 -17.41
N ALA B 422 -7.35 22.29 -18.20
CA ALA B 422 -7.93 21.69 -19.39
C ALA B 422 -6.96 21.79 -20.56
N ARG B 423 -7.12 20.89 -21.52
CA ARG B 423 -6.45 21.05 -22.80
C ARG B 423 -7.06 22.24 -23.55
N ASP B 424 -6.38 22.67 -24.61
CA ASP B 424 -6.91 23.75 -25.43
C ASP B 424 -8.26 23.37 -26.01
N ALA B 425 -9.11 24.38 -26.21
CA ALA B 425 -10.44 24.19 -26.79
C ALA B 425 -10.89 25.48 -27.46
N ARG B 426 -11.56 25.35 -28.60
CA ARG B 426 -11.99 26.53 -29.34
C ARG B 426 -13.32 27.08 -28.83
N SER B 427 -14.23 26.23 -28.38
CA SER B 427 -15.57 26.65 -28.00
C SER B 427 -16.04 25.75 -26.85
N PRO B 428 -17.06 26.19 -26.10
CA PRO B 428 -17.56 25.30 -25.03
C PRO B 428 -18.17 24.02 -25.56
N GLU B 429 -18.73 24.04 -26.76
CA GLU B 429 -19.14 22.79 -27.40
C GLU B 429 -17.94 21.86 -27.52
N ASP B 430 -16.80 22.40 -27.95
CA ASP B 430 -15.57 21.61 -28.09
C ASP B 430 -15.10 21.07 -26.74
N LEU B 431 -15.02 21.95 -25.73
CA LEU B 431 -14.47 21.53 -24.45
C LEU B 431 -15.36 20.49 -23.78
N LEU B 432 -16.67 20.70 -23.79
CA LEU B 432 -17.57 19.82 -23.05
C LEU B 432 -17.51 18.39 -23.58
N THR B 433 -17.24 18.21 -24.86
CA THR B 433 -17.20 16.87 -25.42
C THR B 433 -15.80 16.26 -25.42
N THR B 434 -14.75 17.07 -25.55
CA THR B 434 -13.39 16.58 -25.31
C THR B 434 -13.30 15.92 -23.94
N TYR B 435 -14.01 16.47 -22.95
CA TYR B 435 -14.06 15.92 -21.60
C TYR B 435 -15.35 15.15 -21.34
N ARG B 436 -15.91 14.50 -22.36
CA ARG B 436 -17.21 13.84 -22.20
C ARG B 436 -17.12 12.67 -21.23
N ASP B 437 -16.02 11.91 -21.27
CA ASP B 437 -15.83 10.76 -20.39
C ASP B 437 -15.27 11.14 -19.01
N GLU B 438 -15.20 12.44 -18.69
CA GLU B 438 -14.84 12.90 -17.36
C GLU B 438 -16.08 13.44 -16.65
N SER B 439 -15.97 13.54 -15.33
CA SER B 439 -17.08 14.00 -14.50
C SER B 439 -16.52 14.90 -13.40
N TYR B 440 -16.64 16.20 -13.59
CA TYR B 440 -16.24 17.19 -12.61
C TYR B 440 -17.48 17.67 -11.85
N SER B 441 -17.24 18.42 -10.77
CA SER B 441 -18.37 19.09 -10.14
C SER B 441 -18.54 20.54 -10.62
N TRP B 442 -17.46 21.23 -11.02
CA TRP B 442 -17.55 22.52 -11.71
C TRP B 442 -16.60 22.57 -12.89
N ILE B 443 -16.99 23.33 -13.92
CA ILE B 443 -16.09 23.74 -14.99
C ILE B 443 -15.96 25.26 -14.92
N VAL B 444 -14.74 25.75 -15.09
CA VAL B 444 -14.43 27.18 -14.96
C VAL B 444 -13.76 27.64 -16.26
N ILE B 445 -14.37 28.62 -16.91
CA ILE B 445 -13.88 29.13 -18.17
C ILE B 445 -13.39 30.55 -17.94
N ILE B 446 -12.08 30.75 -18.09
CA ILE B 446 -11.51 32.08 -17.92
C ILE B 446 -11.66 32.85 -19.21
N LYS B 447 -12.18 34.08 -19.11
CA LYS B 447 -12.33 35.00 -20.23
C LYS B 447 -11.47 36.24 -19.96
N GLN B 448 -11.44 37.14 -20.92
CA GLN B 448 -10.66 38.38 -20.81
C GLN B 448 -11.10 39.19 -19.59
N GLU B 449 -10.16 39.98 -19.06
CA GLU B 449 -10.23 40.57 -17.72
C GLU B 449 -10.21 39.47 -16.66
N SER B 450 -10.53 39.81 -15.42
CA SER B 450 -10.60 38.84 -14.33
C SER B 450 -11.99 38.23 -14.21
N GLN B 451 -12.48 37.68 -15.32
CA GLN B 451 -13.86 37.23 -15.43
C GLN B 451 -13.93 35.73 -15.66
N LEU B 452 -14.76 35.05 -14.87
CA LEU B 452 -14.96 33.60 -14.94
C LEU B 452 -16.40 33.28 -15.32
N LYS B 453 -16.57 32.38 -16.28
CA LYS B 453 -17.85 31.74 -16.53
C LYS B 453 -17.81 30.36 -15.88
N ILE B 454 -18.75 30.09 -14.98
CA ILE B 454 -18.78 28.86 -14.20
C ILE B 454 -20.00 28.04 -14.62
N LYS B 455 -19.76 26.80 -15.07
CA LYS B 455 -20.82 25.83 -15.35
C LYS B 455 -20.91 24.84 -14.18
N THR B 456 -22.01 24.87 -13.45
CA THR B 456 -22.23 23.86 -12.41
C THR B 456 -22.51 22.51 -13.07
N MET B 457 -21.82 21.47 -12.61
CA MET B 457 -21.85 20.20 -13.32
C MET B 457 -22.36 19.02 -12.48
N HIS B 458 -22.44 19.14 -11.15
CA HIS B 458 -23.08 18.05 -10.40
C HIS B 458 -24.60 18.08 -10.54
N ARG B 459 -25.23 19.24 -10.31
CA ARG B 459 -26.65 19.39 -10.61
C ARG B 459 -26.86 19.92 -12.02
N LYS B 460 -27.94 19.49 -12.66
CA LYS B 460 -28.28 19.95 -13.99
C LYS B 460 -29.34 21.05 -13.99
N ASP B 461 -29.63 21.64 -12.82
CA ASP B 461 -30.65 22.69 -12.72
C ASP B 461 -30.06 24.06 -12.40
N VAL B 462 -28.74 24.21 -12.40
CA VAL B 462 -28.08 25.47 -12.07
C VAL B 462 -27.60 26.11 -13.38
N PRO B 463 -27.92 27.37 -13.63
CA PRO B 463 -27.44 28.02 -14.86
C PRO B 463 -26.00 28.50 -14.71
N ASP B 464 -25.36 28.75 -15.87
CA ASP B 464 -24.02 29.34 -15.88
C ASP B 464 -24.05 30.71 -15.24
N ALA B 465 -23.03 31.01 -14.44
CA ALA B 465 -22.92 32.31 -13.79
C ALA B 465 -21.53 32.89 -14.04
N ASP B 466 -21.49 34.16 -14.49
CA ASP B 466 -20.24 34.88 -14.63
C ASP B 466 -19.97 35.64 -13.34
N ILE B 467 -18.79 35.42 -12.77
CA ILE B 467 -18.40 36.06 -11.52
C ILE B 467 -17.03 36.68 -11.73
N GLN B 468 -16.56 37.35 -10.69
CA GLN B 468 -15.21 37.89 -10.72
C GLN B 468 -14.22 36.87 -10.20
N ALA B 469 -13.02 36.89 -10.78
CA ALA B 469 -11.97 35.96 -10.38
C ALA B 469 -11.69 36.07 -8.88
N LYS B 470 -11.69 37.30 -8.35
CA LYS B 470 -11.49 37.55 -6.92
C LYS B 470 -12.54 36.90 -6.03
N ASP B 471 -13.59 36.31 -6.61
CA ASP B 471 -14.70 35.79 -5.83
C ASP B 471 -14.83 34.27 -5.92
N LEU B 472 -13.96 33.60 -6.69
CA LEU B 472 -14.09 32.17 -6.90
C LEU B 472 -14.20 31.42 -5.58
N LEU B 473 -13.39 31.82 -4.59
CA LEU B 473 -13.37 31.11 -3.33
C LEU B 473 -14.73 31.17 -2.64
N ALA B 474 -15.24 32.39 -2.41
CA ALA B 474 -16.52 32.54 -1.73
C ALA B 474 -17.65 31.94 -2.54
N TRP B 475 -17.56 32.00 -3.87
CA TRP B 475 -18.64 31.44 -4.69
C TRP B 475 -18.70 29.92 -4.56
N LEU B 476 -17.56 29.27 -4.39
CA LEU B 476 -17.55 27.83 -4.16
C LEU B 476 -17.94 27.49 -2.73
N LYS B 477 -17.40 28.23 -1.76
CA LYS B 477 -17.78 28.00 -0.37
C LYS B 477 -19.30 28.10 -0.17
N ALA B 478 -19.96 28.96 -0.94
CA ALA B 478 -21.40 29.14 -0.83
C ALA B 478 -22.20 28.16 -1.67
N GLU B 479 -21.55 27.21 -2.34
CA GLU B 479 -22.23 26.19 -3.13
C GLU B 479 -22.19 24.81 -2.48
N ILE B 480 -21.55 24.69 -1.31
CA ILE B 480 -21.48 23.42 -0.59
C ILE B 480 -21.81 23.65 0.89
#